data_7VEK
#
_entry.id   7VEK
#
_cell.length_a   94.276
_cell.length_b   103.022
_cell.length_c   109.648
_cell.angle_alpha   90.000
_cell.angle_beta   90.000
_cell.angle_gamma   90.000
#
_symmetry.space_group_name_H-M   'P 21 21 21'
#
loop_
_entity.id
_entity.type
_entity.pdbx_description
1 polymer Glycosyltransferase
2 non-polymer 1,4,7,10,13,16-HEXAOXACYCLOOCTADECANE
3 non-polymer 'POTASSIUM ION'
4 non-polymer "URIDINE-5'-DIPHOSPHATE-2-DEOXY-2-FLUORO-ALPHA-D-GLUCOSE"
5 non-polymer (6E)-N-(4-hydroxy-3-methoxybenzyl)-8-methylnon-6-enamide
#
_entity_poly.entity_id   1
_entity_poly.type   'polypeptide(L)'
_entity_poly.pdbx_seq_one_letter_code
;MNHKVHHHHHHLQENLYFQGMGAEPQQLHVVFFPIMAHGHMIPTLDIARLFAARNVRATIITTPLNAHTFTKAIEMGKKN
GSPTIHLELFKFPAQDVGLPEGCENLEQALGSSLIEKFFKGVGLLREQLEAYLEKTRPNCLVADMFFPWATDSAAKFNIP
RLVFHGTSFFSLCALEVVRLYEPHKNVSSDEELFSLPLFPHDIKMMRLQLPEDVWKHEKAEGKTRLKLIKESELKSYGVI
VNSFYELEPNYAEFFRKELGRRAWNIGPVSLCNRSTEDKAQRGKQTSIDEHECLKWLNSKKKNSVIYICFGSTAHQIAPQ
LYEIAMALEASGQEFIWVVRNNNNNDDDDDDSWLPRGFEQRVEGKGLIIRGWAPQVLILEHEAIGAFVTHCGWNSTLEGI
TAGVPMVTWPIFAEQFYNEKLVNQILKIGVPVGANKWSRETSIEDVIKKDAIEKALREIMVGDEAEERRSRAKKLKEMAW
KAVEEGGSSYSDLSALIEELRGYHA
;
_entity_poly.pdbx_strand_id   A,B
#
# COMPACT_ATOMS: atom_id res chain seq x y z
N GLN A 27 24.90 12.44 16.92
CA GLN A 27 24.83 12.85 15.52
C GLN A 27 24.02 11.85 14.68
N LEU A 28 23.11 12.36 13.86
CA LEU A 28 22.33 11.49 13.00
C LEU A 28 23.21 10.87 11.92
N HIS A 29 22.99 9.58 11.65
CA HIS A 29 23.77 8.85 10.66
C HIS A 29 22.83 8.19 9.66
N VAL A 30 23.04 8.48 8.37
CA VAL A 30 22.24 7.93 7.29
C VAL A 30 23.17 7.25 6.30
N VAL A 31 22.83 6.01 5.94
CA VAL A 31 23.60 5.23 4.99
C VAL A 31 22.86 5.23 3.66
N PHE A 32 23.60 5.45 2.58
CA PHE A 32 23.04 5.48 1.24
C PHE A 32 23.57 4.30 0.45
N PHE A 33 22.65 3.56 -0.18
CA PHE A 33 22.98 2.32 -0.86
C PHE A 33 22.38 2.36 -2.25
N PRO A 34 23.04 3.05 -3.19
CA PRO A 34 22.55 3.06 -4.57
C PRO A 34 23.01 1.83 -5.31
N ILE A 35 22.25 1.49 -6.35
CA ILE A 35 22.74 0.47 -7.27
C ILE A 35 23.89 1.05 -8.09
N MET A 36 24.71 0.16 -8.63
CA MET A 36 25.91 0.59 -9.36
C MET A 36 25.51 0.95 -10.79
N ALA A 37 24.84 2.08 -10.91
CA ALA A 37 24.48 2.69 -12.19
C ALA A 37 24.73 4.17 -12.07
N HIS A 38 25.33 4.75 -13.10
CA HIS A 38 25.70 6.17 -13.03
C HIS A 38 24.48 7.05 -12.77
N GLY A 39 23.36 6.75 -13.41
CA GLY A 39 22.15 7.53 -13.22
C GLY A 39 21.59 7.47 -11.81
N HIS A 40 22.02 6.50 -11.01
CA HIS A 40 21.61 6.40 -9.62
C HIS A 40 22.69 6.83 -8.66
N MET A 41 23.95 6.65 -9.03
CA MET A 41 25.03 6.98 -8.11
C MET A 41 25.18 8.49 -7.94
N ILE A 42 25.07 9.24 -9.02
CA ILE A 42 25.30 10.69 -8.98
C ILE A 42 24.20 11.38 -8.16
N PRO A 43 22.91 11.15 -8.44
CA PRO A 43 21.89 11.76 -7.57
C PRO A 43 21.98 11.31 -6.13
N THR A 44 22.33 10.04 -5.88
CA THR A 44 22.50 9.59 -4.51
C THR A 44 23.61 10.36 -3.80
N LEU A 45 24.70 10.66 -4.50
CA LEU A 45 25.76 11.47 -3.91
C LEU A 45 25.27 12.87 -3.56
N ASP A 46 24.47 13.47 -4.44
CA ASP A 46 23.93 14.80 -4.16
C ASP A 46 22.96 14.78 -2.99
N ILE A 47 22.18 13.70 -2.83
CA ILE A 47 21.34 13.59 -1.64
C ILE A 47 22.21 13.46 -0.40
N ALA A 48 23.30 12.70 -0.49
CA ALA A 48 24.21 12.59 0.64
C ALA A 48 24.82 13.94 1.01
N ARG A 49 25.17 14.75 -0.01
CA ARG A 49 25.70 16.07 0.27
C ARG A 49 24.67 16.96 0.95
N LEU A 50 23.41 16.83 0.54
CA LEU A 50 22.34 17.62 1.14
C LEU A 50 22.18 17.28 2.63
N PHE A 51 22.19 15.99 2.96
CA PHE A 51 22.11 15.58 4.36
C PHE A 51 23.34 16.04 5.12
N ALA A 52 24.51 16.00 4.48
CA ALA A 52 25.74 16.43 5.13
C ALA A 52 25.69 17.92 5.48
N ALA A 53 25.08 18.73 4.61
CA ALA A 53 24.98 20.16 4.86
C ALA A 53 24.10 20.47 6.07
N ARG A 54 23.24 19.53 6.47
CA ARG A 54 22.42 19.68 7.66
C ARG A 54 23.03 18.98 8.86
N ASN A 55 24.36 18.81 8.86
CA ASN A 55 25.09 18.20 9.98
C ASN A 55 24.63 16.78 10.24
N VAL A 56 24.45 16.00 9.18
CA VAL A 56 24.12 14.58 9.29
C VAL A 56 25.29 13.80 8.70
N ARG A 57 25.76 12.79 9.43
CA ARG A 57 26.82 11.92 8.93
C ARG A 57 26.28 11.03 7.82
N ALA A 58 26.89 11.11 6.65
CA ALA A 58 26.41 10.41 5.47
C ALA A 58 27.46 9.45 4.96
N THR A 59 27.09 8.18 4.82
CA THR A 59 27.95 7.15 4.29
C THR A 59 27.30 6.56 3.05
N ILE A 60 28.07 6.42 1.98
CA ILE A 60 27.61 5.85 0.72
C ILE A 60 28.31 4.51 0.54
N ILE A 61 27.53 3.47 0.27
CA ILE A 61 28.04 2.14 -0.04
C ILE A 61 28.24 2.02 -1.54
N THR A 62 29.44 1.64 -1.95
CA THR A 62 29.74 1.42 -3.37
C THR A 62 30.59 0.16 -3.48
N THR A 63 31.19 -0.03 -4.64
CA THR A 63 32.08 -1.16 -4.93
C THR A 63 33.45 -0.64 -5.36
N PRO A 64 34.48 -1.48 -5.32
CA PRO A 64 35.84 -1.00 -5.65
C PRO A 64 35.97 -0.34 -7.03
N LEU A 65 35.43 -0.94 -8.08
CA LEU A 65 35.61 -0.36 -9.40
C LEU A 65 34.73 0.86 -9.62
N ASN A 66 33.82 1.15 -8.69
CA ASN A 66 32.98 2.33 -8.79
C ASN A 66 33.42 3.45 -7.86
N ALA A 67 34.27 3.17 -6.87
CA ALA A 67 34.60 4.19 -5.88
C ALA A 67 35.21 5.45 -6.51
N HIS A 68 35.89 5.32 -7.65
CA HIS A 68 36.47 6.49 -8.29
C HIS A 68 35.39 7.51 -8.68
N THR A 69 34.19 7.05 -9.02
CA THR A 69 33.12 7.98 -9.40
C THR A 69 32.78 8.92 -8.24
N PHE A 70 32.73 8.39 -7.02
CA PHE A 70 32.40 9.22 -5.87
C PHE A 70 33.58 10.06 -5.42
N THR A 71 34.77 9.47 -5.34
CA THR A 71 35.93 10.21 -4.85
C THR A 71 36.21 11.44 -5.70
N LYS A 72 36.10 11.29 -7.03
CA LYS A 72 36.28 12.43 -7.92
C LYS A 72 35.23 13.49 -7.66
N ALA A 73 33.96 13.08 -7.58
CA ALA A 73 32.86 14.01 -7.45
C ALA A 73 32.71 14.58 -6.04
N ILE A 74 33.43 14.03 -5.06
CA ILE A 74 33.39 14.62 -3.71
C ILE A 74 34.26 15.86 -3.68
N GLU A 75 35.34 15.89 -4.47
CA GLU A 75 36.25 17.03 -4.54
C GLU A 75 35.69 18.10 -5.48
N MET A 76 34.50 18.59 -5.12
CA MET A 76 33.86 19.71 -5.80
C MET A 76 32.63 20.14 -5.00
N ASN A 80 37.27 22.83 -0.62
CA ASN A 80 35.91 23.34 -0.53
C ASN A 80 35.57 23.82 0.89
N GLY A 81 35.98 23.03 1.89
CA GLY A 81 35.52 23.27 3.25
C GLY A 81 34.19 22.65 3.57
N SER A 82 33.73 21.72 2.73
CA SER A 82 32.43 21.06 2.72
C SER A 82 32.46 19.81 3.61
N PRO A 83 31.31 19.43 4.18
CA PRO A 83 31.28 18.25 5.06
C PRO A 83 31.72 16.99 4.34
N THR A 84 32.23 16.04 5.12
CA THR A 84 32.86 14.83 4.60
C THR A 84 31.85 13.70 4.45
N ILE A 85 31.86 13.07 3.29
CA ILE A 85 31.01 11.94 2.96
C ILE A 85 31.89 10.70 2.93
N HIS A 86 31.53 9.71 3.72
CA HIS A 86 32.34 8.52 3.87
C HIS A 86 31.88 7.44 2.90
N LEU A 87 32.83 6.66 2.40
CA LEU A 87 32.54 5.57 1.48
C LEU A 87 32.79 4.24 2.17
N GLU A 88 31.91 3.29 1.90
CA GLU A 88 32.08 1.90 2.30
C GLU A 88 32.02 1.04 1.05
N LEU A 89 33.01 0.16 0.89
CA LEU A 89 33.15 -0.64 -0.31
C LEU A 89 32.69 -2.06 -0.02
N PHE A 90 31.77 -2.56 -0.85
CA PHE A 90 31.34 -3.95 -0.78
C PHE A 90 31.96 -4.73 -1.94
N LYS A 91 32.15 -6.03 -1.72
CA LYS A 91 32.61 -6.92 -2.78
C LYS A 91 31.45 -7.31 -3.67
N PHE A 92 31.59 -7.07 -4.98
CA PHE A 92 30.57 -7.47 -5.94
C PHE A 92 30.85 -8.87 -6.44
N PRO A 93 29.96 -9.84 -6.21
CA PRO A 93 30.21 -11.25 -6.58
C PRO A 93 30.04 -11.49 -8.09
N ALA A 94 30.93 -10.90 -8.87
CA ALA A 94 30.86 -11.04 -10.32
C ALA A 94 31.08 -12.49 -10.75
N GLN A 95 32.02 -13.18 -10.12
CA GLN A 95 32.28 -14.57 -10.49
C GLN A 95 31.16 -15.49 -10.04
N ASP A 96 30.58 -15.21 -8.86
CA ASP A 96 29.52 -16.07 -8.34
C ASP A 96 28.30 -16.11 -9.25
N VAL A 97 28.07 -15.05 -10.04
CA VAL A 97 26.94 -14.98 -10.94
C VAL A 97 27.35 -15.17 -12.39
N GLY A 98 28.64 -15.36 -12.66
CA GLY A 98 29.09 -15.60 -14.02
C GLY A 98 29.33 -14.35 -14.84
N LEU A 99 29.61 -13.22 -14.18
CA LEU A 99 29.92 -11.97 -14.83
C LEU A 99 31.43 -11.80 -14.94
N PRO A 100 31.93 -11.06 -15.93
CA PRO A 100 33.36 -10.74 -15.93
C PRO A 100 33.72 -10.04 -14.63
N GLU A 101 34.96 -10.22 -14.19
CA GLU A 101 35.39 -9.58 -12.96
C GLU A 101 35.26 -8.07 -13.03
N GLY A 102 35.45 -7.48 -14.22
CA GLY A 102 35.34 -6.05 -14.38
C GLY A 102 33.95 -5.52 -14.57
N CYS A 103 32.92 -6.33 -14.34
CA CYS A 103 31.54 -5.90 -14.55
C CYS A 103 30.91 -5.61 -13.20
N GLU A 104 31.23 -4.43 -12.66
CA GLU A 104 30.67 -3.96 -11.41
C GLU A 104 29.69 -2.81 -11.62
N ASN A 105 29.36 -2.50 -12.85
CA ASN A 105 28.50 -1.38 -13.18
C ASN A 105 27.44 -1.83 -14.19
N LEU A 106 26.26 -1.24 -14.07
CA LEU A 106 25.15 -1.63 -14.93
C LEU A 106 25.41 -1.31 -16.39
N GLU A 107 26.28 -0.34 -16.68
CA GLU A 107 26.58 0.04 -18.06
C GLU A 107 27.59 -0.88 -18.75
N GLN A 108 28.16 -1.85 -18.03
CA GLN A 108 28.92 -2.93 -18.66
C GLN A 108 28.10 -4.19 -18.87
N ALA A 109 26.96 -4.34 -18.20
CA ALA A 109 26.10 -5.50 -18.38
C ALA A 109 25.28 -5.33 -19.66
N LEU A 110 25.93 -5.60 -20.79
CA LEU A 110 25.28 -5.50 -22.10
C LEU A 110 24.54 -6.79 -22.42
N GLY A 111 23.33 -6.64 -22.95
CA GLY A 111 22.50 -7.77 -23.29
C GLY A 111 21.63 -8.24 -22.16
N SER A 112 20.66 -9.08 -22.51
CA SER A 112 19.70 -9.57 -21.51
C SER A 112 20.37 -10.53 -20.52
N SER A 113 21.30 -11.36 -21.01
CA SER A 113 21.89 -12.36 -20.13
C SER A 113 22.75 -11.70 -19.05
N LEU A 114 23.54 -10.70 -19.42
CA LEU A 114 24.39 -10.05 -18.42
C LEU A 114 23.55 -9.28 -17.41
N ILE A 115 22.44 -8.69 -17.84
CA ILE A 115 21.64 -7.86 -16.94
C ILE A 115 20.94 -8.73 -15.90
N GLU A 116 20.45 -9.90 -16.28
CA GLU A 116 19.87 -10.80 -15.29
C GLU A 116 20.93 -11.33 -14.35
N LYS A 117 22.15 -11.54 -14.85
CA LYS A 117 23.25 -11.92 -13.97
C LYS A 117 23.61 -10.76 -13.04
N PHE A 118 23.52 -9.53 -13.55
CA PHE A 118 23.82 -8.37 -12.73
C PHE A 118 22.84 -8.23 -11.56
N PHE A 119 21.55 -8.49 -11.79
CA PHE A 119 20.60 -8.35 -10.70
C PHE A 119 20.64 -9.53 -9.75
N LYS A 120 21.11 -10.69 -10.19
CA LYS A 120 21.42 -11.74 -9.22
C LYS A 120 22.62 -11.34 -8.38
N GLY A 121 23.58 -10.61 -8.97
CA GLY A 121 24.75 -10.20 -8.22
C GLY A 121 24.43 -9.14 -7.18
N VAL A 122 23.66 -8.11 -7.56
CA VAL A 122 23.32 -7.07 -6.59
C VAL A 122 22.47 -7.65 -5.46
N GLY A 123 21.69 -8.70 -5.75
CA GLY A 123 20.92 -9.34 -4.69
C GLY A 123 21.78 -10.00 -3.65
N LEU A 124 22.96 -10.50 -4.06
CA LEU A 124 23.87 -11.16 -3.12
C LEU A 124 24.62 -10.17 -2.23
N LEU A 125 24.39 -8.88 -2.40
CA LEU A 125 24.96 -7.88 -1.51
C LEU A 125 24.25 -7.81 -0.16
N ARG A 126 23.18 -8.59 0.00
CA ARG A 126 22.37 -8.52 1.22
C ARG A 126 23.21 -8.84 2.46
N GLU A 127 24.10 -9.83 2.36
CA GLU A 127 24.87 -10.25 3.53
C GLU A 127 25.81 -9.14 3.98
N GLN A 128 26.51 -8.51 3.04
CA GLN A 128 27.39 -7.41 3.40
C GLN A 128 26.60 -6.25 3.96
N LEU A 129 25.40 -6.00 3.43
CA LEU A 129 24.58 -4.90 3.94
C LEU A 129 24.15 -5.17 5.38
N GLU A 130 23.62 -6.36 5.65
CA GLU A 130 23.20 -6.67 7.01
C GLU A 130 24.38 -6.71 7.97
N ALA A 131 25.55 -7.15 7.51
CA ALA A 131 26.74 -7.10 8.36
C ALA A 131 27.13 -5.66 8.65
N TYR A 132 27.07 -4.80 7.63
CA TYR A 132 27.43 -3.39 7.84
C TYR A 132 26.40 -2.67 8.72
N LEU A 133 25.12 -3.03 8.60
CA LEU A 133 24.09 -2.38 9.40
C LEU A 133 24.24 -2.73 10.88
N GLU A 134 24.53 -4.00 11.18
CA GLU A 134 24.76 -4.39 12.58
C GLU A 134 26.01 -3.72 13.14
N LYS A 135 27.04 -3.57 12.31
CA LYS A 135 28.30 -3.00 12.76
C LYS A 135 28.15 -1.52 13.12
N THR A 136 27.55 -0.72 12.23
CA THR A 136 27.51 0.72 12.39
C THR A 136 26.23 1.23 13.04
N ARG A 137 25.13 0.47 12.96
CA ARG A 137 23.83 0.85 13.52
C ARG A 137 23.47 2.29 13.14
N PRO A 138 23.23 2.59 11.87
CA PRO A 138 22.86 3.96 11.50
C PRO A 138 21.40 4.23 11.83
N ASN A 139 21.03 5.50 11.72
CA ASN A 139 19.66 5.91 12.01
C ASN A 139 18.69 5.69 10.86
N CYS A 140 19.19 5.59 9.63
CA CYS A 140 18.31 5.43 8.48
C CYS A 140 19.10 4.87 7.31
N LEU A 141 18.41 4.07 6.49
CA LEU A 141 18.99 3.51 5.27
C LEU A 141 18.21 4.03 4.08
N VAL A 142 18.86 4.84 3.25
CA VAL A 142 18.34 5.24 1.95
C VAL A 142 18.94 4.27 0.93
N ALA A 143 18.12 3.37 0.41
CA ALA A 143 18.57 2.33 -0.50
C ALA A 143 17.85 2.44 -1.84
N ASP A 144 18.53 1.95 -2.87
CA ASP A 144 18.04 2.06 -4.22
C ASP A 144 16.72 1.32 -4.39
N MET A 145 15.94 1.75 -5.38
CA MET A 145 14.69 1.09 -5.73
C MET A 145 14.91 -0.38 -6.09
N PHE A 146 16.08 -0.72 -6.62
CA PHE A 146 16.37 -2.10 -7.00
C PHE A 146 16.70 -3.00 -5.82
N PHE A 147 16.63 -2.50 -4.58
CA PHE A 147 16.89 -3.29 -3.39
C PHE A 147 15.64 -3.37 -2.52
N PRO A 148 14.58 -4.03 -2.99
CA PRO A 148 13.37 -4.12 -2.16
C PRO A 148 13.62 -4.83 -0.84
N TRP A 149 14.52 -5.81 -0.82
CA TRP A 149 14.88 -6.55 0.38
C TRP A 149 15.61 -5.71 1.40
N ALA A 150 16.08 -4.52 1.03
CA ALA A 150 16.76 -3.66 1.98
C ALA A 150 15.82 -3.18 3.10
N THR A 151 14.51 -3.23 2.87
CA THR A 151 13.57 -2.89 3.94
C THR A 151 13.63 -3.92 5.07
N ASP A 152 13.58 -5.21 4.73
CA ASP A 152 13.70 -6.24 5.75
C ASP A 152 15.08 -6.22 6.41
N SER A 153 16.13 -6.02 5.62
CA SER A 153 17.49 -5.97 6.18
C SER A 153 17.61 -4.86 7.21
N ALA A 154 17.04 -3.69 6.91
CA ALA A 154 17.09 -2.60 7.88
C ALA A 154 16.17 -2.85 9.07
N ALA A 155 15.13 -3.67 8.90
CA ALA A 155 14.22 -3.94 10.01
C ALA A 155 14.85 -4.83 11.07
N LYS A 156 15.77 -5.72 10.67
CA LYS A 156 16.43 -6.58 11.65
C LYS A 156 17.08 -5.78 12.76
N PHE A 157 17.42 -4.52 12.49
CA PHE A 157 18.07 -3.65 13.47
C PHE A 157 17.24 -2.42 13.78
N ASN A 158 15.94 -2.46 13.46
CA ASN A 158 14.99 -1.38 13.71
C ASN A 158 15.45 -0.05 13.12
N ILE A 159 15.91 -0.12 11.87
CA ILE A 159 16.33 1.03 11.10
C ILE A 159 15.28 1.30 10.03
N PRO A 160 14.75 2.51 9.91
CA PRO A 160 13.82 2.81 8.83
C PRO A 160 14.52 2.89 7.48
N ARG A 161 13.88 2.36 6.45
CA ARG A 161 14.42 2.33 5.09
C ARG A 161 13.60 3.27 4.20
N LEU A 162 14.30 4.12 3.46
CA LEU A 162 13.71 5.00 2.46
C LEU A 162 14.10 4.48 1.07
N VAL A 163 13.17 4.58 0.13
CA VAL A 163 13.41 4.17 -1.25
C VAL A 163 13.82 5.39 -2.05
N PHE A 164 14.76 5.22 -2.98
CA PHE A 164 15.10 6.25 -3.95
C PHE A 164 15.07 5.64 -5.34
N HIS A 165 14.26 6.21 -6.23
CA HIS A 165 14.18 5.77 -7.62
C HIS A 165 15.03 6.62 -8.56
N GLY A 166 15.11 7.93 -8.32
CA GLY A 166 15.80 8.83 -9.22
C GLY A 166 14.99 9.30 -10.41
N THR A 167 13.67 9.22 -10.33
CA THR A 167 12.80 9.63 -11.44
C THR A 167 11.72 10.55 -10.91
N SER A 168 10.82 10.94 -11.81
CA SER A 168 9.75 11.88 -11.50
C SER A 168 8.59 11.18 -10.81
N PHE A 169 7.77 11.97 -10.11
CA PHE A 169 6.51 11.48 -9.57
C PHE A 169 5.66 10.87 -10.68
N PHE A 170 5.65 11.53 -11.84
CA PHE A 170 4.81 11.07 -12.94
C PHE A 170 5.17 9.65 -13.37
N SER A 171 6.47 9.37 -13.47
CA SER A 171 6.90 8.01 -13.81
C SER A 171 6.55 7.04 -12.69
N LEU A 172 6.73 7.46 -11.43
CA LEU A 172 6.32 6.62 -10.31
C LEU A 172 4.84 6.27 -10.41
N CYS A 173 3.99 7.27 -10.68
CA CYS A 173 2.56 7.01 -10.78
C CYS A 173 2.24 6.19 -12.04
N ALA A 174 2.83 6.55 -13.17
CA ALA A 174 2.47 5.88 -14.41
C ALA A 174 2.90 4.41 -14.38
N LEU A 175 4.08 4.11 -13.85
CA LEU A 175 4.49 2.71 -13.73
C LEU A 175 3.50 1.92 -12.89
N GLU A 176 2.98 2.53 -11.81
CA GLU A 176 2.13 1.77 -10.92
C GLU A 176 0.73 1.59 -11.48
N VAL A 177 0.21 2.61 -12.16
CA VAL A 177 -1.12 2.49 -12.76
C VAL A 177 -1.09 1.47 -13.90
N VAL A 178 0.00 1.43 -14.68
CA VAL A 178 0.09 0.46 -15.76
C VAL A 178 0.25 -0.95 -15.21
N ARG A 179 0.95 -1.09 -14.08
CA ARG A 179 1.14 -2.42 -13.50
C ARG A 179 -0.15 -2.96 -12.93
N LEU A 180 -0.95 -2.11 -12.28
CA LEU A 180 -2.15 -2.58 -11.60
C LEU A 180 -3.31 -2.82 -12.57
N TYR A 181 -3.54 -1.88 -13.49
CA TYR A 181 -4.72 -1.90 -14.33
C TYR A 181 -4.49 -2.54 -15.69
N GLU A 182 -3.23 -2.71 -16.10
CA GLU A 182 -2.85 -3.32 -17.36
C GLU A 182 -3.70 -2.83 -18.54
N PRO A 183 -3.71 -1.53 -18.84
CA PRO A 183 -4.52 -1.06 -19.98
C PRO A 183 -4.01 -1.57 -21.32
N HIS A 184 -2.85 -2.21 -21.36
CA HIS A 184 -2.27 -2.73 -22.60
C HIS A 184 -2.89 -4.07 -23.01
N LYS A 185 -3.73 -4.68 -22.19
CA LYS A 185 -4.43 -5.88 -22.62
C LYS A 185 -5.72 -5.58 -23.38
N ASN A 186 -6.30 -4.39 -23.20
CA ASN A 186 -7.47 -3.96 -23.97
C ASN A 186 -7.07 -3.35 -25.31
N VAL A 187 -6.02 -3.88 -25.94
CA VAL A 187 -5.51 -3.38 -27.20
C VAL A 187 -5.26 -4.58 -28.11
N SER A 188 -5.34 -4.34 -29.43
CA SER A 188 -5.23 -5.40 -30.42
C SER A 188 -4.02 -5.29 -31.34
N SER A 189 -3.41 -4.11 -31.46
CA SER A 189 -2.27 -3.92 -32.35
C SER A 189 -1.22 -3.06 -31.64
N ASP A 190 0.00 -3.09 -32.18
CA ASP A 190 1.13 -2.47 -31.50
C ASP A 190 0.94 -0.97 -31.29
N GLU A 191 0.48 -0.26 -32.32
CA GLU A 191 0.39 1.18 -32.25
C GLU A 191 -0.96 1.68 -31.76
N GLU A 192 -1.87 0.78 -31.40
CA GLU A 192 -3.16 1.21 -30.88
C GLU A 192 -2.96 1.90 -29.53
N LEU A 193 -3.53 3.10 -29.41
CA LEU A 193 -3.34 3.89 -28.20
C LEU A 193 -4.33 3.47 -27.12
N PHE A 194 -3.89 3.64 -25.87
CA PHE A 194 -4.75 3.49 -24.70
C PHE A 194 -4.43 4.62 -23.73
N SER A 195 -5.44 5.01 -22.96
CA SER A 195 -5.27 6.07 -21.96
C SER A 195 -4.74 5.47 -20.66
N LEU A 196 -4.02 6.29 -19.91
CA LEU A 196 -3.58 5.90 -18.58
C LEU A 196 -4.71 6.07 -17.57
N PRO A 197 -5.11 5.02 -16.87
CA PRO A 197 -6.24 5.15 -15.94
C PRO A 197 -5.97 6.16 -14.82
N LEU A 198 -7.07 6.73 -14.31
CA LEU A 198 -7.11 7.52 -13.09
C LEU A 198 -6.39 8.86 -13.18
N PHE A 199 -5.57 9.06 -14.21
CA PHE A 199 -4.70 10.23 -14.22
C PHE A 199 -5.52 11.50 -14.42
N PRO A 200 -5.13 12.61 -13.79
CA PRO A 200 -5.81 13.89 -14.03
C PRO A 200 -5.48 14.50 -15.38
N HIS A 201 -4.69 13.84 -16.21
CA HIS A 201 -4.49 14.20 -17.60
C HIS A 201 -4.78 12.98 -18.46
N ASP A 202 -5.24 13.23 -19.68
CA ASP A 202 -5.42 12.15 -20.64
C ASP A 202 -4.07 11.89 -21.30
N ILE A 203 -3.44 10.80 -20.93
CA ILE A 203 -2.13 10.40 -21.44
C ILE A 203 -2.33 9.17 -22.31
N LYS A 204 -1.93 9.27 -23.58
CA LYS A 204 -2.12 8.20 -24.55
C LYS A 204 -0.80 7.50 -24.76
N MET A 205 -0.83 6.16 -24.73
CA MET A 205 0.37 5.34 -24.88
C MET A 205 0.02 4.14 -25.74
N MET A 206 1.05 3.50 -26.29
CA MET A 206 0.88 2.29 -27.06
C MET A 206 1.72 1.18 -26.44
N ARG A 207 1.35 -0.07 -26.70
CA ARG A 207 2.11 -1.19 -26.14
C ARG A 207 3.55 -1.17 -26.64
N LEU A 208 3.78 -0.65 -27.85
CA LEU A 208 5.14 -0.62 -28.40
C LEU A 208 6.09 0.17 -27.52
N GLN A 209 5.59 1.12 -26.73
CA GLN A 209 6.40 1.90 -25.80
C GLN A 209 6.63 1.18 -24.48
N LEU A 210 6.05 0.01 -24.28
CA LEU A 210 6.26 -0.76 -23.07
C LEU A 210 7.21 -1.92 -23.35
N PRO A 211 7.95 -2.39 -22.34
CA PRO A 211 8.86 -3.53 -22.59
C PRO A 211 8.08 -4.77 -23.02
N GLU A 212 8.63 -5.46 -24.03
CA GLU A 212 8.03 -6.70 -24.53
C GLU A 212 7.93 -7.76 -23.44
N ASP A 213 8.72 -7.63 -22.39
CA ASP A 213 8.72 -8.50 -21.23
C ASP A 213 7.45 -8.39 -20.39
N VAL A 214 6.49 -7.56 -20.82
CA VAL A 214 5.32 -7.25 -20.01
C VAL A 214 4.05 -7.44 -20.82
N TRP A 215 4.13 -7.28 -22.14
CA TRP A 215 2.96 -7.36 -22.99
C TRP A 215 3.06 -8.39 -24.11
N LYS A 216 4.26 -8.70 -24.60
CA LYS A 216 4.41 -9.68 -25.67
C LYS A 216 4.57 -11.09 -25.10
N HIS A 217 5.81 -11.51 -24.86
CA HIS A 217 6.11 -12.81 -24.27
C HIS A 217 6.49 -12.57 -22.81
N GLU A 218 5.48 -12.46 -21.96
CA GLU A 218 5.69 -12.13 -20.56
C GLU A 218 6.58 -13.17 -19.87
N LYS A 219 7.69 -12.71 -19.32
CA LYS A 219 8.60 -13.54 -18.54
C LYS A 219 8.52 -13.11 -17.08
N ALA A 220 8.22 -14.07 -16.20
CA ALA A 220 7.97 -13.80 -14.79
C ALA A 220 9.15 -13.13 -14.08
N GLU A 221 10.37 -13.23 -14.62
CA GLU A 221 11.53 -12.63 -13.96
C GLU A 221 11.37 -11.12 -13.82
N GLY A 222 11.22 -10.42 -14.94
CA GLY A 222 11.09 -8.97 -14.89
C GLY A 222 9.81 -8.49 -14.24
N LYS A 223 8.74 -9.28 -14.33
CA LYS A 223 7.48 -8.85 -13.75
C LYS A 223 7.51 -8.94 -12.23
N THR A 224 8.16 -9.96 -11.69
CA THR A 224 8.23 -10.10 -10.24
C THR A 224 9.18 -9.07 -9.64
N ARG A 225 10.20 -8.67 -10.39
CA ARG A 225 11.08 -7.62 -9.91
C ARG A 225 10.37 -6.28 -9.82
N LEU A 226 9.56 -5.96 -10.83
CA LEU A 226 8.80 -4.71 -10.76
C LEU A 226 7.75 -4.75 -9.65
N LYS A 227 7.12 -5.92 -9.43
CA LYS A 227 6.16 -6.04 -8.35
C LYS A 227 6.81 -5.77 -7.00
N LEU A 228 7.98 -6.38 -6.76
CA LEU A 228 8.67 -6.18 -5.49
C LEU A 228 9.17 -4.75 -5.32
N ILE A 229 9.58 -4.09 -6.41
CA ILE A 229 10.04 -2.71 -6.33
C ILE A 229 8.90 -1.78 -5.98
N LYS A 230 7.77 -1.90 -6.68
CA LYS A 230 6.64 -1.02 -6.40
C LYS A 230 6.06 -1.30 -5.03
N GLU A 231 6.07 -2.56 -4.59
CA GLU A 231 5.56 -2.90 -3.28
C GLU A 231 6.41 -2.31 -2.17
N SER A 232 7.72 -2.21 -2.39
CA SER A 232 8.62 -1.70 -1.36
C SER A 232 8.35 -0.24 -1.02
N GLU A 233 7.76 0.51 -1.95
CA GLU A 233 7.39 1.90 -1.70
C GLU A 233 6.34 2.02 -0.62
N LEU A 234 5.48 1.00 -0.47
CA LEU A 234 4.48 0.99 0.59
C LEU A 234 4.96 0.24 1.82
N LYS A 235 5.77 -0.81 1.66
CA LYS A 235 6.24 -1.57 2.80
C LYS A 235 7.33 -0.84 3.58
N SER A 236 8.03 0.11 2.98
CA SER A 236 9.15 0.80 3.62
C SER A 236 8.65 2.02 4.38
N TYR A 237 9.57 2.80 4.91
CA TYR A 237 9.18 3.98 5.66
C TYR A 237 8.65 5.09 4.75
N GLY A 238 9.17 5.17 3.53
CA GLY A 238 8.74 6.21 2.63
C GLY A 238 9.65 6.28 1.43
N VAL A 239 9.43 7.31 0.62
CA VAL A 239 10.12 7.47 -0.65
C VAL A 239 10.74 8.86 -0.69
N ILE A 240 12.01 8.92 -1.07
CA ILE A 240 12.67 10.17 -1.42
C ILE A 240 12.59 10.31 -2.93
N VAL A 241 12.13 11.46 -3.40
CA VAL A 241 11.91 11.69 -4.82
C VAL A 241 12.76 12.86 -5.27
N ASN A 242 13.48 12.68 -6.38
CA ASN A 242 14.30 13.75 -6.94
C ASN A 242 13.44 14.61 -7.87
N SER A 243 12.56 15.39 -7.25
CA SER A 243 11.71 16.32 -7.97
C SER A 243 11.36 17.46 -7.01
N PHE A 244 10.68 18.46 -7.53
CA PHE A 244 10.10 19.49 -6.67
C PHE A 244 8.60 19.59 -6.91
N TYR A 245 7.87 19.92 -5.84
CA TYR A 245 6.41 19.84 -5.84
C TYR A 245 5.82 20.68 -6.97
N GLU A 246 6.35 21.87 -7.20
CA GLU A 246 5.77 22.78 -8.17
C GLU A 246 5.93 22.28 -9.60
N LEU A 247 6.87 21.36 -9.83
CA LEU A 247 7.09 20.85 -11.18
C LEU A 247 5.92 19.99 -11.65
N GLU A 248 5.44 19.10 -10.79
CA GLU A 248 4.38 18.15 -11.16
C GLU A 248 3.43 17.96 -9.98
N PRO A 249 2.74 19.02 -9.57
CA PRO A 249 1.94 18.93 -8.33
C PRO A 249 0.81 17.92 -8.39
N ASN A 250 0.21 17.70 -9.56
CA ASN A 250 -0.86 16.72 -9.63
C ASN A 250 -0.37 15.32 -9.36
N TYR A 251 0.91 15.06 -9.58
CA TYR A 251 1.47 13.73 -9.39
C TYR A 251 2.25 13.60 -8.10
N ALA A 252 2.74 14.70 -7.53
CA ALA A 252 3.23 14.67 -6.16
C ALA A 252 2.11 14.38 -5.18
N GLU A 253 0.91 14.89 -5.47
CA GLU A 253 -0.27 14.55 -4.68
C GLU A 253 -0.76 13.14 -5.02
N PHE A 254 -0.83 12.82 -6.32
CA PHE A 254 -1.34 11.51 -6.73
C PHE A 254 -0.52 10.39 -6.12
N PHE A 255 0.81 10.55 -6.06
CA PHE A 255 1.65 9.54 -5.46
C PHE A 255 1.32 9.36 -3.98
N ARG A 256 1.01 10.45 -3.29
CA ARG A 256 0.75 10.38 -1.86
C ARG A 256 -0.67 9.94 -1.55
N LYS A 257 -1.66 10.51 -2.25
CA LYS A 257 -3.04 10.26 -1.88
C LYS A 257 -3.63 9.05 -2.60
N GLU A 258 -3.68 9.10 -3.94
CA GLU A 258 -4.28 8.01 -4.68
C GLU A 258 -3.47 6.72 -4.55
N LEU A 259 -2.14 6.83 -4.51
CA LEU A 259 -1.29 5.65 -4.42
C LEU A 259 -0.82 5.35 -3.00
N GLY A 260 -1.07 6.24 -2.05
CA GLY A 260 -0.86 5.97 -0.65
C GLY A 260 0.57 5.98 -0.17
N ARG A 261 1.52 6.49 -0.96
CA ARG A 261 2.91 6.51 -0.55
C ARG A 261 3.20 7.72 0.33
N ARG A 262 4.09 7.50 1.29
CA ARG A 262 4.69 8.57 2.07
C ARG A 262 5.98 9.00 1.36
N ALA A 263 6.08 10.28 1.05
CA ALA A 263 7.16 10.72 0.16
C ALA A 263 7.60 12.14 0.50
N TRP A 264 8.81 12.47 0.06
CA TRP A 264 9.37 13.80 0.21
C TRP A 264 10.03 14.19 -1.11
N ASN A 265 9.64 15.33 -1.65
CA ASN A 265 10.29 15.86 -2.84
C ASN A 265 11.37 16.83 -2.41
N ILE A 266 12.62 16.52 -2.75
CA ILE A 266 13.75 17.31 -2.28
C ILE A 266 14.63 17.73 -3.44
N GLY A 267 14.12 17.57 -4.66
CA GLY A 267 14.88 17.86 -5.84
C GLY A 267 14.64 19.25 -6.39
N PRO A 268 15.41 19.66 -7.40
CA PRO A 268 16.57 18.96 -7.98
C PRO A 268 17.76 18.92 -7.05
N VAL A 269 18.23 17.71 -6.71
CA VAL A 269 19.30 17.55 -5.73
C VAL A 269 20.65 18.05 -6.25
N SER A 270 20.82 18.15 -7.57
CA SER A 270 22.09 18.62 -8.12
C SER A 270 22.29 20.12 -7.92
N LEU A 271 21.23 20.85 -7.59
CA LEU A 271 21.30 22.31 -7.56
C LEU A 271 22.01 22.82 -6.32
N CYS A 272 21.62 22.34 -5.15
CA CYS A 272 22.14 22.91 -3.90
C CYS A 272 23.61 22.57 -3.66
N ASN A 273 24.26 21.88 -4.60
CA ASN A 273 25.69 21.66 -4.57
C ASN A 273 26.45 22.62 -5.48
N ARG A 274 25.94 23.84 -5.62
CA ARG A 274 26.50 24.82 -6.54
C ARG A 274 26.41 26.23 -5.98
N HIS A 291 36.59 25.96 -20.69
CA HIS A 291 36.60 24.83 -21.62
C HIS A 291 36.35 25.29 -23.05
N GLU A 292 36.92 24.54 -23.99
CA GLU A 292 36.94 24.93 -25.39
C GLU A 292 35.53 25.20 -25.90
N CYS A 293 34.60 24.28 -25.63
CA CYS A 293 33.23 24.43 -26.10
C CYS A 293 32.56 25.66 -25.52
N LEU A 294 32.95 26.03 -24.29
CA LEU A 294 32.40 27.23 -23.68
C LEU A 294 32.92 28.49 -24.37
N LYS A 295 34.21 28.52 -24.72
CA LYS A 295 34.73 29.63 -25.50
C LYS A 295 34.09 29.67 -26.88
N TRP A 296 33.77 28.49 -27.44
CA TRP A 296 33.11 28.42 -28.74
C TRP A 296 31.72 29.06 -28.70
N LEU A 297 31.01 28.92 -27.57
CA LEU A 297 29.65 29.43 -27.46
C LEU A 297 29.59 30.91 -27.14
N ASN A 298 30.62 31.46 -26.48
CA ASN A 298 30.61 32.85 -26.04
C ASN A 298 30.29 33.79 -27.20
N SER A 299 30.76 33.46 -28.39
CA SER A 299 30.61 34.29 -29.59
C SER A 299 29.32 34.02 -30.35
N LYS A 300 28.38 33.28 -29.77
CA LYS A 300 27.20 32.85 -30.50
C LYS A 300 25.96 33.58 -30.01
N LYS A 301 24.94 33.59 -30.87
CA LYS A 301 23.67 34.23 -30.55
C LYS A 301 22.97 33.47 -29.43
N LYS A 302 22.15 34.20 -28.68
CA LYS A 302 21.42 33.59 -27.56
C LYS A 302 20.29 32.70 -28.09
N ASN A 303 20.20 31.48 -27.55
CA ASN A 303 19.14 30.51 -27.86
C ASN A 303 19.09 30.14 -29.34
N SER A 304 20.25 29.90 -29.94
CA SER A 304 20.32 29.54 -31.36
C SER A 304 21.08 28.23 -31.62
N VAL A 305 21.61 27.58 -30.58
CA VAL A 305 22.42 26.38 -30.69
C VAL A 305 21.69 25.23 -30.01
N ILE A 306 21.73 24.05 -30.63
CA ILE A 306 21.13 22.83 -30.10
C ILE A 306 22.22 21.99 -29.44
N TYR A 307 21.96 21.50 -28.24
CA TYR A 307 22.88 20.61 -27.53
C TYR A 307 22.34 19.19 -27.59
N ILE A 308 23.18 18.26 -28.02
CA ILE A 308 22.78 16.87 -28.23
C ILE A 308 23.69 15.98 -27.39
N CYS A 309 23.09 15.20 -26.48
CA CYS A 309 23.82 14.25 -25.65
C CYS A 309 22.82 13.24 -25.10
N PHE A 310 23.20 11.95 -25.09
CA PHE A 310 22.25 10.90 -24.74
C PHE A 310 22.55 10.21 -23.40
N GLY A 311 23.26 10.87 -22.49
CA GLY A 311 23.44 10.35 -21.14
C GLY A 311 24.69 9.50 -20.99
N SER A 312 24.73 8.76 -19.89
CA SER A 312 25.81 7.81 -19.66
C SER A 312 25.51 6.43 -20.25
N THR A 313 24.24 6.07 -20.38
CA THR A 313 23.86 4.80 -20.99
C THR A 313 23.70 4.92 -22.50
N ALA A 314 24.59 5.68 -23.15
CA ALA A 314 24.48 5.93 -24.59
C ALA A 314 25.07 4.75 -25.35
N HIS A 315 24.22 3.81 -25.76
CA HIS A 315 24.60 2.70 -26.63
C HIS A 315 24.16 3.09 -28.04
N GLN A 316 25.03 3.80 -28.74
CA GLN A 316 24.73 4.39 -30.03
C GLN A 316 25.51 3.67 -31.12
N ILE A 317 24.80 3.16 -32.12
CA ILE A 317 25.40 2.43 -33.22
C ILE A 317 25.71 3.41 -34.37
N ALA A 318 26.66 3.02 -35.21
CA ALA A 318 27.09 3.87 -36.32
C ALA A 318 25.95 4.25 -37.27
N PRO A 319 25.08 3.32 -37.72
CA PRO A 319 23.97 3.76 -38.58
C PRO A 319 23.05 4.78 -37.94
N GLN A 320 22.91 4.77 -36.61
CA GLN A 320 22.08 5.78 -35.96
C GLN A 320 22.79 7.12 -35.89
N LEU A 321 24.08 7.11 -35.56
CA LEU A 321 24.84 8.36 -35.54
C LEU A 321 24.89 8.99 -36.92
N TYR A 322 24.91 8.17 -37.98
CA TYR A 322 24.96 8.69 -39.34
C TYR A 322 23.69 9.48 -39.66
N GLU A 323 22.53 8.93 -39.31
CA GLU A 323 21.28 9.63 -39.56
C GLU A 323 21.22 10.95 -38.80
N ILE A 324 21.79 10.98 -37.59
CA ILE A 324 21.84 12.23 -36.83
C ILE A 324 22.71 13.25 -37.55
N ALA A 325 23.85 12.81 -38.08
CA ALA A 325 24.74 13.74 -38.77
C ALA A 325 24.08 14.30 -40.03
N MET A 326 23.42 13.45 -40.81
CA MET A 326 22.72 13.93 -42.00
C MET A 326 21.61 14.90 -41.63
N ALA A 327 20.89 14.63 -40.53
CA ALA A 327 19.78 15.48 -40.15
C ALA A 327 20.25 16.83 -39.63
N LEU A 328 21.37 16.84 -38.90
CA LEU A 328 21.92 18.09 -38.40
C LEU A 328 22.33 19.02 -39.54
N GLU A 329 22.94 18.45 -40.58
CA GLU A 329 23.34 19.25 -41.74
C GLU A 329 22.13 19.89 -42.40
N ALA A 330 21.07 19.11 -42.64
CA ALA A 330 19.89 19.64 -43.30
C ALA A 330 19.20 20.72 -42.48
N SER A 331 19.31 20.66 -41.14
CA SER A 331 18.61 21.64 -40.32
C SER A 331 19.20 23.04 -40.44
N GLY A 332 20.51 23.13 -40.66
CA GLY A 332 21.16 24.42 -40.69
C GLY A 332 21.43 24.99 -39.33
N GLN A 333 21.00 24.32 -38.27
CA GLN A 333 21.14 24.83 -36.92
C GLN A 333 22.57 24.63 -36.41
N GLU A 334 23.02 25.59 -35.61
CA GLU A 334 24.28 25.45 -34.91
C GLU A 334 24.08 24.45 -33.77
N PHE A 335 25.12 23.69 -33.46
CA PHE A 335 24.92 22.59 -32.53
C PHE A 335 26.20 22.23 -31.81
N ILE A 336 26.03 21.60 -30.65
CA ILE A 336 27.08 20.90 -29.92
C ILE A 336 26.63 19.46 -29.75
N TRP A 337 27.34 18.52 -30.37
CA TRP A 337 26.96 17.12 -30.42
C TRP A 337 27.95 16.30 -29.63
N VAL A 338 27.44 15.49 -28.69
CA VAL A 338 28.26 14.67 -27.81
C VAL A 338 28.10 13.22 -28.23
N VAL A 339 29.21 12.58 -28.59
CA VAL A 339 29.27 11.17 -28.92
C VAL A 339 30.31 10.50 -28.01
N ARG A 340 30.27 9.19 -27.98
CA ARG A 340 31.09 8.41 -27.07
C ARG A 340 32.27 7.80 -27.81
N ASN A 341 33.01 6.91 -27.13
CA ASN A 341 34.26 6.38 -27.64
C ASN A 341 34.38 4.91 -27.30
N ASN A 342 35.45 4.29 -27.80
CA ASN A 342 35.76 2.89 -27.48
C ASN A 342 37.20 2.58 -27.89
N ASP A 350 36.68 6.12 -38.08
CA ASP A 350 35.87 7.27 -37.70
C ASP A 350 34.87 7.63 -38.80
N ASP A 351 35.22 7.31 -40.04
CA ASP A 351 34.32 7.53 -41.17
C ASP A 351 33.20 6.51 -41.23
N SER A 352 33.11 5.62 -40.25
CA SER A 352 32.06 4.61 -40.28
C SER A 352 30.76 5.12 -39.71
N TRP A 353 30.66 6.40 -39.35
CA TRP A 353 29.39 6.95 -38.90
C TRP A 353 29.23 8.40 -39.34
N LEU A 354 30.29 9.00 -39.89
CA LEU A 354 30.25 10.39 -40.32
C LEU A 354 30.19 10.50 -41.84
N PRO A 355 29.42 11.45 -42.37
CA PRO A 355 29.50 11.76 -43.79
C PRO A 355 30.87 12.34 -44.11
N ARG A 356 31.38 12.03 -45.30
CA ARG A 356 32.74 12.47 -45.64
C ARG A 356 32.85 13.98 -45.59
N GLY A 357 33.85 14.47 -44.87
CA GLY A 357 34.10 15.89 -44.71
C GLY A 357 33.11 16.61 -43.83
N PHE A 358 32.50 15.90 -42.87
CA PHE A 358 31.44 16.50 -42.06
C PHE A 358 31.98 17.57 -41.12
N GLU A 359 32.94 17.21 -40.28
CA GLU A 359 33.47 18.15 -39.30
C GLU A 359 33.94 19.44 -39.97
N GLN A 360 34.68 19.32 -41.08
CA GLN A 360 35.19 20.51 -41.75
C GLN A 360 34.07 21.28 -42.44
N ARG A 361 33.02 20.60 -42.91
CA ARG A 361 31.95 21.29 -43.61
C ARG A 361 31.12 22.18 -42.68
N VAL A 362 31.06 21.84 -41.39
CA VAL A 362 30.25 22.58 -40.42
C VAL A 362 31.11 23.23 -39.34
N GLU A 363 32.36 23.54 -39.66
CA GLU A 363 33.28 24.04 -38.63
C GLU A 363 32.77 25.32 -37.99
N GLY A 364 32.31 26.28 -38.80
CA GLY A 364 31.85 27.52 -38.22
C GLY A 364 30.50 27.47 -37.53
N LYS A 365 29.76 26.38 -37.70
CA LYS A 365 28.46 26.24 -37.07
C LYS A 365 28.34 25.08 -36.10
N GLY A 366 29.04 23.97 -36.32
CA GLY A 366 28.89 22.78 -35.51
C GLY A 366 30.18 22.35 -34.82
N LEU A 367 30.00 21.74 -33.65
CA LEU A 367 31.11 21.19 -32.85
C LEU A 367 30.72 19.80 -32.37
N ILE A 368 31.67 18.86 -32.44
CA ILE A 368 31.46 17.48 -31.99
C ILE A 368 32.36 17.25 -30.79
N ILE A 369 31.76 16.89 -29.66
CA ILE A 369 32.50 16.55 -28.44
C ILE A 369 32.52 15.04 -28.30
N ARG A 370 33.72 14.48 -28.21
CA ARG A 370 33.86 13.04 -28.09
C ARG A 370 34.06 12.56 -26.67
N GLY A 371 34.54 13.44 -25.78
CA GLY A 371 34.73 13.05 -24.40
C GLY A 371 33.48 13.19 -23.54
N TRP A 372 33.69 13.59 -22.29
CA TRP A 372 32.62 13.77 -21.32
C TRP A 372 32.33 15.27 -21.26
N ALA A 373 31.14 15.66 -21.70
CA ALA A 373 30.86 17.07 -21.85
C ALA A 373 30.50 17.72 -20.51
N PRO A 374 30.80 19.00 -20.36
CA PRO A 374 30.32 19.76 -19.18
C PRO A 374 28.86 20.15 -19.41
N GLN A 375 27.98 19.17 -19.20
CA GLN A 375 26.58 19.31 -19.63
C GLN A 375 25.90 20.48 -18.93
N VAL A 376 26.11 20.65 -17.63
CA VAL A 376 25.44 21.69 -16.89
C VAL A 376 25.90 23.08 -17.34
N LEU A 377 27.21 23.25 -17.54
CA LEU A 377 27.72 24.55 -17.98
C LEU A 377 27.29 24.87 -19.42
N ILE A 378 27.08 23.85 -20.25
CA ILE A 378 26.67 24.08 -21.63
C ILE A 378 25.20 24.48 -21.69
N LEU A 379 24.34 23.74 -20.98
CA LEU A 379 22.91 24.00 -21.07
C LEU A 379 22.56 25.36 -20.47
N GLU A 380 23.25 25.76 -19.41
CA GLU A 380 22.99 27.05 -18.78
C GLU A 380 23.72 28.20 -19.45
N HIS A 381 24.44 27.95 -20.54
CA HIS A 381 24.94 29.03 -21.37
C HIS A 381 23.78 29.67 -22.12
N GLU A 382 23.93 30.97 -22.42
CA GLU A 382 22.86 31.71 -23.06
C GLU A 382 22.60 31.22 -24.47
N ALA A 383 23.64 30.74 -25.16
CA ALA A 383 23.52 30.37 -26.56
C ALA A 383 22.70 29.10 -26.76
N ILE A 384 22.63 28.25 -25.75
CA ILE A 384 21.93 26.97 -25.89
C ILE A 384 20.44 27.17 -25.63
N GLY A 385 19.63 26.83 -26.63
CA GLY A 385 18.19 27.00 -26.56
C GLY A 385 17.41 25.73 -26.87
N ALA A 386 18.11 24.62 -27.05
CA ALA A 386 17.45 23.35 -27.31
C ALA A 386 18.36 22.20 -26.88
N PHE A 387 17.75 21.05 -26.56
CA PHE A 387 18.47 19.92 -25.97
C PHE A 387 17.84 18.64 -26.50
N VAL A 388 18.58 17.90 -27.31
CA VAL A 388 18.14 16.58 -27.74
C VAL A 388 18.65 15.57 -26.71
N THR A 389 17.72 14.89 -26.03
CA THR A 389 18.04 14.05 -24.89
C THR A 389 17.24 12.75 -24.98
N HIS A 390 17.67 11.76 -24.20
CA HIS A 390 16.98 10.48 -24.14
C HIS A 390 15.93 10.42 -23.03
N CYS A 391 15.66 11.54 -22.35
CA CYS A 391 14.63 11.63 -21.32
C CYS A 391 14.94 10.81 -20.09
N GLY A 392 16.22 10.54 -19.83
CA GLY A 392 16.60 10.12 -18.49
C GLY A 392 16.31 11.26 -17.53
N TRP A 393 15.88 10.90 -16.32
CA TRP A 393 15.38 11.94 -15.40
C TRP A 393 16.49 12.92 -15.00
N ASN A 394 17.73 12.44 -14.85
CA ASN A 394 18.79 13.36 -14.42
C ASN A 394 19.03 14.45 -15.45
N SER A 395 19.08 14.10 -16.73
CA SER A 395 19.29 15.11 -17.75
C SER A 395 18.01 15.89 -18.03
N THR A 396 16.83 15.25 -17.92
CA THR A 396 15.59 16.00 -18.04
C THR A 396 15.50 17.09 -16.98
N LEU A 397 15.89 16.78 -15.74
CA LEU A 397 15.92 17.78 -14.69
C LEU A 397 16.92 18.88 -15.01
N GLU A 398 18.06 18.52 -15.60
CA GLU A 398 19.04 19.52 -15.96
C GLU A 398 18.54 20.41 -17.09
N GLY A 399 17.78 19.85 -18.02
CA GLY A 399 17.15 20.69 -19.04
C GLY A 399 16.17 21.65 -18.42
N ILE A 400 15.34 21.15 -17.49
CA ILE A 400 14.39 22.01 -16.78
C ILE A 400 15.12 23.07 -15.96
N THR A 401 16.16 22.65 -15.23
CA THR A 401 16.88 23.59 -14.37
C THR A 401 17.54 24.71 -15.16
N ALA A 402 17.94 24.43 -16.39
CA ALA A 402 18.54 25.45 -17.24
C ALA A 402 17.51 26.20 -18.07
N GLY A 403 16.25 25.80 -18.01
CA GLY A 403 15.22 26.45 -18.79
C GLY A 403 15.38 26.22 -20.28
N VAL A 404 15.76 25.02 -20.68
CA VAL A 404 16.03 24.67 -22.07
C VAL A 404 14.97 23.68 -22.53
N PRO A 405 14.26 23.94 -23.63
CA PRO A 405 13.35 22.95 -24.18
C PRO A 405 14.11 21.75 -24.74
N MET A 406 13.38 20.64 -24.94
CA MET A 406 14.02 19.37 -25.25
C MET A 406 13.34 18.65 -26.40
N VAL A 407 14.14 18.01 -27.24
CA VAL A 407 13.66 17.00 -28.18
C VAL A 407 13.78 15.66 -27.49
N THR A 408 12.66 14.96 -27.35
CA THR A 408 12.60 13.77 -26.53
C THR A 408 12.87 12.53 -27.36
N TRP A 409 13.83 11.72 -26.92
CA TRP A 409 14.25 10.52 -27.63
C TRP A 409 14.35 9.35 -26.66
N PRO A 410 13.21 8.87 -26.15
CA PRO A 410 13.25 7.77 -25.19
C PRO A 410 13.75 6.48 -25.81
N ILE A 411 14.39 5.66 -24.98
CA ILE A 411 14.98 4.39 -25.39
C ILE A 411 14.41 3.25 -24.57
N PHE A 412 14.61 3.30 -23.25
CA PHE A 412 14.20 2.20 -22.38
C PHE A 412 13.79 2.78 -21.02
N ALA A 413 13.69 1.91 -20.01
CA ALA A 413 13.41 2.27 -18.61
C ALA A 413 12.09 3.04 -18.56
N GLU A 414 12.04 4.15 -17.81
CA GLU A 414 10.85 4.97 -17.65
C GLU A 414 10.91 6.21 -18.53
N GLN A 415 11.80 6.21 -19.52
CA GLN A 415 11.99 7.40 -20.36
C GLN A 415 10.74 7.75 -21.16
N PHE A 416 9.95 6.74 -21.56
CA PHE A 416 8.73 7.04 -22.30
C PHE A 416 7.69 7.72 -21.43
N TYR A 417 7.67 7.42 -20.13
CA TYR A 417 6.80 8.17 -19.24
C TYR A 417 7.31 9.60 -19.05
N ASN A 418 8.64 9.75 -18.95
CA ASN A 418 9.21 11.09 -18.82
C ASN A 418 8.95 11.94 -20.06
N GLU A 419 8.91 11.31 -21.24
CA GLU A 419 8.59 12.04 -22.47
C GLU A 419 7.19 12.64 -22.41
N LYS A 420 6.23 11.87 -21.90
CA LYS A 420 4.87 12.38 -21.76
C LYS A 420 4.84 13.55 -20.78
N LEU A 421 5.59 13.46 -19.69
CA LEU A 421 5.65 14.58 -18.76
C LEU A 421 6.19 15.83 -19.45
N VAL A 422 7.24 15.67 -20.26
CA VAL A 422 7.89 16.82 -20.87
C VAL A 422 7.03 17.42 -21.97
N ASN A 423 6.39 16.58 -22.79
CA ASN A 423 5.67 17.06 -23.97
C ASN A 423 4.22 17.45 -23.69
N GLN A 424 3.45 16.57 -23.06
CA GLN A 424 2.02 16.80 -22.90
C GLN A 424 1.67 17.63 -21.67
N ILE A 425 2.42 17.49 -20.58
CA ILE A 425 2.04 18.11 -19.32
C ILE A 425 2.84 19.37 -19.09
N LEU A 426 4.17 19.26 -19.13
CA LEU A 426 5.01 20.44 -18.98
C LEU A 426 5.02 21.27 -20.26
N LYS A 427 4.84 20.61 -21.40
CA LYS A 427 4.79 21.26 -22.72
C LYS A 427 6.03 22.11 -22.97
N ILE A 428 7.19 21.51 -22.73
CA ILE A 428 8.48 22.13 -23.01
C ILE A 428 9.30 21.27 -23.98
N GLY A 429 8.66 20.35 -24.70
CA GLY A 429 9.38 19.38 -25.49
C GLY A 429 8.70 19.06 -26.81
N VAL A 430 9.45 18.36 -27.65
CA VAL A 430 8.98 17.88 -28.96
C VAL A 430 9.44 16.44 -29.16
N PRO A 431 8.54 15.51 -29.47
CA PRO A 431 8.99 14.13 -29.72
C PRO A 431 9.74 14.03 -31.03
N VAL A 432 10.73 13.14 -31.04
CA VAL A 432 11.51 12.90 -32.25
C VAL A 432 10.89 11.82 -33.13
N GLY A 433 9.96 11.02 -32.58
CA GLY A 433 9.38 9.92 -33.31
C GLY A 433 9.77 8.56 -32.77
N ALA A 434 10.73 8.50 -31.85
CA ALA A 434 11.09 7.23 -31.24
C ALA A 434 9.97 6.75 -30.34
N ASN A 435 9.54 5.50 -30.54
CA ASN A 435 8.45 4.95 -29.74
C ASN A 435 8.58 3.46 -29.50
N LYS A 436 9.78 2.89 -29.61
CA LYS A 436 10.00 1.46 -29.48
C LYS A 436 10.92 1.22 -28.28
N TRP A 437 10.35 0.68 -27.20
CA TRP A 437 11.12 0.34 -26.01
C TRP A 437 12.09 -0.80 -26.30
N SER A 438 13.37 -0.57 -26.02
CA SER A 438 14.38 -1.57 -26.34
C SER A 438 15.65 -1.28 -25.56
N ARG A 439 16.26 -2.32 -25.00
CA ARG A 439 17.51 -2.17 -24.27
C ARG A 439 18.66 -1.82 -25.23
N GLU A 440 18.89 -2.66 -26.23
CA GLU A 440 19.82 -2.32 -27.29
C GLU A 440 19.04 -1.78 -28.48
N THR A 441 19.75 -1.45 -29.54
CA THR A 441 19.13 -0.85 -30.71
C THR A 441 19.42 -1.70 -31.94
N SER A 442 18.35 -2.06 -32.65
CA SER A 442 18.47 -2.81 -33.89
C SER A 442 18.52 -1.85 -35.05
N ILE A 443 19.34 -2.18 -36.05
CA ILE A 443 19.43 -1.32 -37.22
C ILE A 443 18.06 -1.15 -37.85
N GLU A 444 17.19 -2.13 -37.67
CA GLU A 444 15.82 -2.00 -38.15
C GLU A 444 15.07 -0.87 -37.44
N ASP A 445 15.48 -0.50 -36.23
CA ASP A 445 14.78 0.50 -35.43
C ASP A 445 15.37 1.90 -35.54
N VAL A 446 16.37 2.13 -36.40
CA VAL A 446 17.05 3.41 -36.43
C VAL A 446 16.10 4.53 -36.82
N ILE A 447 16.21 5.66 -36.11
CA ILE A 447 15.44 6.86 -36.42
C ILE A 447 16.11 7.61 -37.56
N LYS A 448 15.37 7.84 -38.63
CA LYS A 448 15.93 8.36 -39.87
C LYS A 448 16.11 9.88 -39.81
N LYS A 449 16.86 10.36 -40.80
CA LYS A 449 17.26 11.77 -40.87
C LYS A 449 16.06 12.70 -40.97
N ASP A 450 15.01 12.28 -41.66
CA ASP A 450 13.86 13.15 -41.88
C ASP A 450 13.14 13.46 -40.57
N ALA A 451 12.91 12.44 -39.74
CA ALA A 451 12.30 12.65 -38.43
C ALA A 451 13.17 13.54 -37.56
N ILE A 452 14.48 13.32 -37.58
CA ILE A 452 15.36 14.11 -36.74
C ILE A 452 15.40 15.55 -37.21
N GLU A 453 15.37 15.79 -38.53
CA GLU A 453 15.43 17.17 -39.00
C GLU A 453 14.17 17.95 -38.62
N LYS A 454 12.99 17.34 -38.73
CA LYS A 454 11.76 18.05 -38.39
C LYS A 454 11.73 18.40 -36.91
N ALA A 455 12.25 17.51 -36.06
CA ALA A 455 12.29 17.78 -34.63
C ALA A 455 13.29 18.88 -34.32
N LEU A 456 14.43 18.90 -35.03
CA LEU A 456 15.41 19.96 -34.82
C LEU A 456 14.85 21.33 -35.22
N ARG A 457 14.01 21.37 -36.25
CA ARG A 457 13.43 22.64 -36.65
C ARG A 457 12.27 23.02 -35.74
N GLU A 458 11.44 22.03 -35.37
CA GLU A 458 10.28 22.30 -34.52
C GLU A 458 10.71 22.88 -33.18
N ILE A 459 11.78 22.35 -32.60
CA ILE A 459 12.24 22.82 -31.30
C ILE A 459 12.89 24.20 -31.38
N MET A 460 13.31 24.63 -32.57
CA MET A 460 14.04 25.88 -32.70
C MET A 460 13.19 27.03 -33.24
N VAL A 461 12.38 26.77 -34.27
CA VAL A 461 11.58 27.80 -34.91
C VAL A 461 10.12 27.38 -35.09
N GLY A 462 9.78 26.15 -34.70
CA GLY A 462 8.43 25.62 -34.82
C GLY A 462 7.36 26.34 -34.03
N ASP A 463 6.16 25.78 -34.05
CA ASP A 463 5.04 26.40 -33.35
C ASP A 463 5.27 26.41 -31.84
N GLU A 464 4.99 27.54 -31.21
CA GLU A 464 5.09 27.77 -29.77
C GLU A 464 6.51 27.71 -29.24
N ALA A 465 7.52 27.59 -30.11
CA ALA A 465 8.88 27.41 -29.64
C ALA A 465 9.31 28.53 -28.70
N GLU A 466 8.80 29.75 -28.92
CA GLU A 466 9.12 30.86 -28.03
C GLU A 466 8.36 30.78 -26.72
N GLU A 467 7.18 30.14 -26.71
CA GLU A 467 6.47 29.91 -25.46
C GLU A 467 7.09 28.77 -24.66
N ARG A 468 7.60 27.74 -25.32
CA ARG A 468 8.27 26.65 -24.61
C ARG A 468 9.52 27.16 -23.91
N ARG A 469 10.28 28.04 -24.58
CA ARG A 469 11.42 28.68 -23.93
C ARG A 469 10.95 29.49 -22.73
N SER A 470 9.78 30.12 -22.85
CA SER A 470 9.23 30.91 -21.74
C SER A 470 8.76 30.01 -20.60
N ARG A 471 8.05 28.92 -20.92
CA ARG A 471 7.62 27.99 -19.88
C ARG A 471 8.81 27.35 -19.18
N ALA A 472 9.85 27.00 -19.94
CA ALA A 472 11.05 26.45 -19.34
C ALA A 472 11.73 27.48 -18.46
N LYS A 473 11.63 28.77 -18.80
CA LYS A 473 12.26 29.78 -17.97
C LYS A 473 11.59 29.91 -16.60
N LYS A 474 10.26 29.71 -16.51
CA LYS A 474 9.64 29.72 -15.19
C LYS A 474 10.02 28.47 -14.40
N LEU A 475 9.95 27.29 -15.03
CA LEU A 475 10.34 26.07 -14.33
C LEU A 475 11.74 26.21 -13.78
N LYS A 476 12.62 26.88 -14.54
CA LYS A 476 13.96 27.16 -14.04
C LYS A 476 13.90 27.96 -12.74
N GLU A 477 13.10 29.02 -12.71
CA GLU A 477 13.02 29.86 -11.52
C GLU A 477 12.40 29.10 -10.35
N MET A 478 11.33 28.34 -10.62
CA MET A 478 10.70 27.56 -9.56
C MET A 478 11.65 26.50 -9.02
N ALA A 479 12.54 25.97 -9.87
CA ALA A 479 13.50 24.97 -9.42
C ALA A 479 14.47 25.57 -8.42
N TRP A 480 15.04 26.73 -8.73
CA TRP A 480 15.91 27.37 -7.76
C TRP A 480 15.11 27.84 -6.54
N LYS A 481 13.85 28.24 -6.72
CA LYS A 481 13.05 28.63 -5.58
C LYS A 481 12.75 27.45 -4.66
N ALA A 482 12.56 26.26 -5.23
CA ALA A 482 12.23 25.09 -4.42
C ALA A 482 13.37 24.68 -3.49
N VAL A 483 14.62 24.95 -3.86
CA VAL A 483 15.76 24.45 -3.11
C VAL A 483 16.30 25.45 -2.09
N GLU A 484 15.97 26.74 -2.22
CA GLU A 484 16.40 27.73 -1.25
C GLU A 484 15.53 27.66 0.01
N GLU A 485 15.99 28.31 1.08
CA GLU A 485 15.24 28.34 2.33
C GLU A 485 13.83 28.84 2.09
N GLY A 486 12.85 28.10 2.61
CA GLY A 486 11.45 28.38 2.37
C GLY A 486 10.85 27.72 1.14
N GLY A 487 11.69 27.16 0.27
CA GLY A 487 11.18 26.47 -0.90
C GLY A 487 10.58 25.13 -0.55
N SER A 488 9.84 24.58 -1.52
CA SER A 488 9.12 23.32 -1.29
C SER A 488 10.09 22.19 -0.96
N SER A 489 11.19 22.07 -1.70
CA SER A 489 12.11 20.97 -1.50
C SER A 489 13.00 21.18 -0.28
N TYR A 490 13.43 22.41 -0.05
CA TYR A 490 14.14 22.72 1.19
C TYR A 490 13.29 22.40 2.40
N SER A 491 11.98 22.61 2.30
CA SER A 491 11.11 22.53 3.47
C SER A 491 10.96 21.09 3.96
N ASP A 492 10.52 20.18 3.09
CA ASP A 492 10.31 18.83 3.59
C ASP A 492 11.56 17.96 3.55
N LEU A 493 12.69 18.49 3.06
CA LEU A 493 13.95 17.88 3.45
C LEU A 493 14.21 18.11 4.93
N SER A 494 13.92 19.31 5.43
CA SER A 494 13.96 19.53 6.87
C SER A 494 12.92 18.69 7.59
N ALA A 495 11.78 18.46 6.95
CA ALA A 495 10.73 17.66 7.58
C ALA A 495 11.12 16.19 7.64
N LEU A 496 11.86 15.70 6.63
CA LEU A 496 12.32 14.33 6.69
C LEU A 496 13.37 14.15 7.78
N ILE A 497 14.30 15.09 7.90
CA ILE A 497 15.36 14.96 8.90
C ILE A 497 14.76 15.02 10.30
N GLU A 498 13.86 15.97 10.56
CA GLU A 498 13.22 16.04 11.87
C GLU A 498 12.47 14.76 12.18
N GLU A 499 11.79 14.19 11.20
CA GLU A 499 11.11 12.93 11.42
C GLU A 499 12.12 11.81 11.71
N LEU A 500 13.28 11.85 11.05
CA LEU A 500 14.31 10.85 11.31
C LEU A 500 14.91 11.01 12.70
N ARG A 501 15.06 12.26 13.16
CA ARG A 501 15.61 12.48 14.49
C ARG A 501 14.71 11.88 15.58
N GLY A 502 13.41 11.83 15.33
CA GLY A 502 12.47 11.36 16.33
C GLY A 502 11.85 10.02 16.04
N TYR A 503 12.55 9.16 15.31
CA TYR A 503 12.02 7.83 15.00
C TYR A 503 12.11 6.92 16.22
N HIS A 504 10.99 6.30 16.57
CA HIS A 504 10.93 5.37 17.70
C HIS A 504 10.45 3.99 17.24
N GLN B 26 7.34 -32.78 4.63
CA GLN B 26 7.30 -31.32 4.51
C GLN B 26 6.03 -30.77 5.15
N GLN B 27 6.14 -30.25 6.37
CA GLN B 27 4.99 -29.71 7.08
C GLN B 27 5.18 -28.22 7.31
N LEU B 28 4.20 -27.44 6.89
CA LEU B 28 4.18 -26.00 7.10
C LEU B 28 3.80 -25.69 8.55
N HIS B 29 4.38 -24.64 9.12
CA HIS B 29 4.10 -24.24 10.49
C HIS B 29 3.64 -22.78 10.52
N VAL B 30 2.46 -22.55 11.12
CA VAL B 30 1.86 -21.23 11.22
C VAL B 30 1.51 -20.96 12.69
N VAL B 31 1.89 -19.79 13.18
CA VAL B 31 1.60 -19.37 14.54
C VAL B 31 0.50 -18.31 14.51
N PHE B 32 -0.48 -18.47 15.40
CA PHE B 32 -1.62 -17.57 15.53
C PHE B 32 -1.51 -16.82 16.85
N PHE B 33 -1.67 -15.49 16.79
CA PHE B 33 -1.45 -14.60 17.93
C PHE B 33 -2.66 -13.67 18.07
N PRO B 34 -3.76 -14.15 18.64
CA PRO B 34 -4.93 -13.28 18.83
C PRO B 34 -4.84 -12.43 20.08
N ILE B 35 -5.60 -11.33 20.07
CA ILE B 35 -5.82 -10.57 21.30
C ILE B 35 -6.79 -11.33 22.21
N MET B 36 -6.72 -11.04 23.50
CA MET B 36 -7.52 -11.79 24.48
C MET B 36 -8.92 -11.19 24.57
N ALA B 37 -9.70 -11.44 23.53
CA ALA B 37 -11.12 -11.11 23.48
C ALA B 37 -11.83 -12.27 22.78
N HIS B 38 -12.99 -12.64 23.32
CA HIS B 38 -13.69 -13.80 22.79
C HIS B 38 -14.02 -13.63 21.30
N GLY B 39 -14.43 -12.42 20.91
CA GLY B 39 -14.76 -12.17 19.52
C GLY B 39 -13.61 -12.35 18.56
N HIS B 40 -12.38 -12.36 19.06
CA HIS B 40 -11.22 -12.63 18.23
C HIS B 40 -10.59 -14.00 18.48
N MET B 41 -10.72 -14.56 19.68
CA MET B 41 -10.09 -15.84 19.97
C MET B 41 -10.79 -17.00 19.28
N ILE B 42 -12.12 -16.98 19.25
CA ILE B 42 -12.89 -18.10 18.70
C ILE B 42 -12.70 -18.19 17.19
N PRO B 43 -12.85 -17.12 16.41
CA PRO B 43 -12.53 -17.23 14.98
C PRO B 43 -11.07 -17.58 14.74
N THR B 44 -10.14 -17.09 15.58
CA THR B 44 -8.74 -17.46 15.42
C THR B 44 -8.55 -18.96 15.59
N LEU B 45 -9.25 -19.56 16.57
CA LEU B 45 -9.18 -21.00 16.73
C LEU B 45 -9.72 -21.72 15.50
N ASP B 46 -10.83 -21.23 14.95
CA ASP B 46 -11.41 -21.85 13.77
C ASP B 46 -10.47 -21.75 12.57
N ILE B 47 -9.72 -20.65 12.46
CA ILE B 47 -8.74 -20.53 11.38
C ILE B 47 -7.62 -21.56 11.56
N ALA B 48 -7.18 -21.77 12.80
CA ALA B 48 -6.16 -22.78 13.05
C ALA B 48 -6.65 -24.16 12.66
N ARG B 49 -7.92 -24.46 12.95
CA ARG B 49 -8.48 -25.75 12.56
C ARG B 49 -8.50 -25.88 11.05
N LEU B 50 -8.79 -24.79 10.34
CA LEU B 50 -8.76 -24.82 8.88
C LEU B 50 -7.36 -25.11 8.35
N PHE B 51 -6.35 -24.43 8.92
CA PHE B 51 -4.98 -24.72 8.52
C PHE B 51 -4.56 -26.13 8.92
N ALA B 52 -4.96 -26.56 10.13
CA ALA B 52 -4.58 -27.89 10.60
C ALA B 52 -5.19 -28.99 9.73
N ALA B 53 -6.42 -28.79 9.26
CA ALA B 53 -7.07 -29.79 8.42
C ALA B 53 -6.36 -29.99 7.09
N ARG B 54 -5.51 -29.02 6.68
CA ARG B 54 -4.69 -29.15 5.50
C ARG B 54 -3.28 -29.63 5.80
N ASN B 55 -3.08 -30.31 6.94
CA ASN B 55 -1.79 -30.85 7.36
C ASN B 55 -0.75 -29.74 7.54
N VAL B 56 -1.16 -28.67 8.22
CA VAL B 56 -0.28 -27.57 8.59
C VAL B 56 -0.21 -27.51 10.10
N ARG B 57 1.00 -27.45 10.66
CA ARG B 57 1.15 -27.31 12.10
C ARG B 57 0.73 -25.92 12.55
N ALA B 58 -0.24 -25.86 13.45
CA ALA B 58 -0.84 -24.60 13.88
C ALA B 58 -0.68 -24.44 15.39
N THR B 59 -0.13 -23.30 15.80
CA THR B 59 0.05 -22.96 17.21
C THR B 59 -0.70 -21.68 17.53
N ILE B 60 -1.41 -21.68 18.65
CA ILE B 60 -2.10 -20.49 19.13
C ILE B 60 -1.40 -19.99 20.38
N ILE B 61 -1.03 -18.72 20.40
CA ILE B 61 -0.43 -18.10 21.56
C ILE B 61 -1.54 -17.51 22.41
N THR B 62 -1.61 -17.90 23.66
CA THR B 62 -2.62 -17.38 24.58
C THR B 62 -1.96 -17.14 25.94
N THR B 63 -2.78 -16.93 26.95
CA THR B 63 -2.33 -16.66 28.31
C THR B 63 -2.90 -17.72 29.25
N PRO B 64 -2.33 -17.87 30.45
CA PRO B 64 -2.81 -18.93 31.35
C PRO B 64 -4.30 -18.88 31.63
N LEU B 65 -4.85 -17.69 31.90
CA LEU B 65 -6.27 -17.57 32.23
C LEU B 65 -7.19 -17.68 31.02
N ASN B 66 -6.63 -17.67 29.80
CA ASN B 66 -7.44 -17.85 28.59
C ASN B 66 -7.26 -19.21 27.94
N ALA B 67 -6.24 -19.97 28.31
CA ALA B 67 -5.97 -21.25 27.65
C ALA B 67 -7.13 -22.21 27.79
N HIS B 68 -7.95 -22.05 28.85
CA HIS B 68 -9.12 -22.92 29.02
C HIS B 68 -10.11 -22.75 27.87
N THR B 69 -10.20 -21.55 27.30
CA THR B 69 -11.13 -21.32 26.20
C THR B 69 -10.77 -22.16 24.99
N PHE B 70 -9.46 -22.27 24.68
CA PHE B 70 -9.04 -23.05 23.53
C PHE B 70 -9.05 -24.54 23.81
N THR B 71 -8.55 -24.95 24.98
CA THR B 71 -8.50 -26.37 25.32
C THR B 71 -9.91 -26.97 25.38
N LYS B 72 -10.87 -26.20 25.91
CA LYS B 72 -12.24 -26.70 26.01
C LYS B 72 -12.80 -27.05 24.64
N ALA B 73 -12.60 -26.18 23.65
CA ALA B 73 -13.21 -26.36 22.35
C ALA B 73 -12.54 -27.42 21.48
N ILE B 74 -11.40 -27.96 21.91
CA ILE B 74 -10.76 -29.05 21.17
C ILE B 74 -11.48 -30.38 21.43
N SER B 82 -9.23 -36.12 14.44
CA SER B 82 -9.33 -34.67 14.52
C SER B 82 -7.93 -34.06 14.52
N PRO B 83 -7.78 -32.90 13.87
CA PRO B 83 -6.46 -32.26 13.82
C PRO B 83 -6.02 -31.75 15.19
N THR B 84 -4.70 -31.77 15.41
CA THR B 84 -4.11 -31.39 16.69
C THR B 84 -3.60 -29.95 16.61
N ILE B 85 -4.05 -29.11 17.56
CA ILE B 85 -3.64 -27.72 17.65
C ILE B 85 -2.88 -27.51 18.96
N HIS B 86 -1.65 -27.00 18.85
CA HIS B 86 -0.78 -26.81 20.01
C HIS B 86 -0.93 -25.40 20.57
N LEU B 87 -0.80 -25.29 21.90
CA LEU B 87 -0.89 -24.01 22.59
C LEU B 87 0.47 -23.62 23.17
N GLU B 88 0.77 -22.33 23.09
CA GLU B 88 1.93 -21.74 23.75
C GLU B 88 1.41 -20.64 24.66
N LEU B 89 1.79 -20.66 25.92
CA LEU B 89 1.26 -19.73 26.90
C LEU B 89 2.29 -18.66 27.20
N PHE B 90 1.88 -17.40 27.10
CA PHE B 90 2.69 -16.26 27.51
C PHE B 90 2.16 -15.71 28.82
N LYS B 91 3.07 -15.17 29.63
CA LYS B 91 2.67 -14.55 30.89
C LYS B 91 2.20 -13.13 30.64
N PHE B 92 0.98 -12.83 31.09
CA PHE B 92 0.39 -11.50 30.90
C PHE B 92 0.75 -10.61 32.07
N PRO B 93 1.48 -9.51 31.86
CA PRO B 93 1.94 -8.67 32.98
C PRO B 93 0.84 -7.79 33.56
N ALA B 94 -0.19 -8.43 34.13
CA ALA B 94 -1.27 -7.68 34.75
C ALA B 94 -0.77 -6.91 35.97
N GLN B 95 0.09 -7.54 36.77
CA GLN B 95 0.66 -6.88 37.94
C GLN B 95 1.71 -5.85 37.53
N ASP B 96 2.53 -6.19 36.51
CA ASP B 96 3.58 -5.29 36.07
C ASP B 96 3.04 -4.00 35.45
N VAL B 97 1.82 -4.02 34.92
CA VAL B 97 1.25 -2.87 34.23
C VAL B 97 0.19 -2.15 35.04
N GLY B 98 -0.14 -2.65 36.23
CA GLY B 98 -1.14 -2.00 37.05
C GLY B 98 -2.56 -2.43 36.79
N LEU B 99 -2.78 -3.66 36.28
CA LEU B 99 -4.14 -4.15 36.15
C LEU B 99 -4.52 -4.99 37.37
N PRO B 100 -5.81 -5.05 37.68
CA PRO B 100 -6.26 -5.95 38.75
C PRO B 100 -5.84 -7.39 38.51
N GLU B 101 -5.71 -8.13 39.61
CA GLU B 101 -5.34 -9.55 39.54
C GLU B 101 -6.37 -10.31 38.71
N GLY B 102 -5.90 -11.28 37.93
CA GLY B 102 -6.79 -12.10 37.14
C GLY B 102 -7.41 -11.43 35.94
N CYS B 103 -6.93 -10.26 35.55
CA CYS B 103 -7.49 -9.49 34.43
C CYS B 103 -6.64 -9.74 33.19
N GLU B 104 -6.88 -10.89 32.57
CA GLU B 104 -6.17 -11.28 31.35
C GLU B 104 -7.06 -11.29 30.12
N ASN B 105 -8.30 -10.79 30.21
CA ASN B 105 -9.23 -10.81 29.09
C ASN B 105 -9.86 -9.42 28.94
N LEU B 106 -10.13 -9.06 27.69
CA LEU B 106 -10.64 -7.72 27.40
C LEU B 106 -12.05 -7.48 27.94
N GLU B 107 -12.84 -8.54 28.12
CA GLU B 107 -14.18 -8.35 28.67
C GLU B 107 -14.16 -8.19 30.19
N GLN B 108 -12.99 -8.28 30.81
CA GLN B 108 -12.82 -7.90 32.21
C GLN B 108 -12.34 -6.47 32.37
N ALA B 109 -11.69 -5.89 31.36
CA ALA B 109 -11.29 -4.49 31.38
C ALA B 109 -12.51 -3.67 31.02
N LEU B 110 -13.40 -3.49 32.01
CA LEU B 110 -14.67 -2.81 31.78
C LEU B 110 -14.54 -1.29 31.88
N GLY B 111 -13.80 -0.80 32.87
CA GLY B 111 -13.65 0.63 33.07
C GLY B 111 -12.93 1.32 31.93
N SER B 112 -12.99 2.66 31.97
CA SER B 112 -12.32 3.45 30.94
C SER B 112 -10.80 3.37 31.08
N SER B 113 -10.30 3.46 32.32
CA SER B 113 -8.86 3.42 32.56
C SER B 113 -8.29 2.03 32.29
N LEU B 114 -9.06 0.97 32.61
CA LEU B 114 -8.55 -0.39 32.47
C LEU B 114 -8.24 -0.73 31.02
N ILE B 115 -8.99 -0.15 30.07
CA ILE B 115 -8.80 -0.50 28.67
C ILE B 115 -7.45 0.03 28.17
N GLU B 116 -7.07 1.23 28.60
CA GLU B 116 -5.77 1.76 28.21
C GLU B 116 -4.63 0.98 28.84
N LYS B 117 -4.81 0.52 30.09
CA LYS B 117 -3.80 -0.35 30.68
C LYS B 117 -3.78 -1.72 30.02
N PHE B 118 -4.93 -2.20 29.55
CA PHE B 118 -4.97 -3.49 28.89
C PHE B 118 -4.14 -3.48 27.62
N PHE B 119 -4.17 -2.36 26.88
CA PHE B 119 -3.40 -2.25 25.64
C PHE B 119 -1.93 -1.98 25.90
N LYS B 120 -1.59 -1.37 27.05
CA LYS B 120 -0.20 -1.32 27.45
C LYS B 120 0.33 -2.70 27.82
N GLY B 121 -0.54 -3.55 28.39
CA GLY B 121 -0.12 -4.89 28.75
C GLY B 121 0.11 -5.79 27.54
N VAL B 122 -0.82 -5.76 26.58
CA VAL B 122 -0.65 -6.57 25.39
C VAL B 122 0.56 -6.11 24.59
N GLY B 123 0.89 -4.82 24.66
CA GLY B 123 2.09 -4.34 24.00
C GLY B 123 3.36 -4.90 24.58
N LEU B 124 3.37 -5.19 25.88
CA LEU B 124 4.56 -5.74 26.53
C LEU B 124 4.78 -7.21 26.23
N LEU B 125 3.89 -7.85 25.47
CA LEU B 125 4.11 -9.23 25.05
C LEU B 125 5.09 -9.35 23.89
N ARG B 126 5.57 -8.22 23.35
CA ARG B 126 6.45 -8.26 22.19
C ARG B 126 7.70 -9.08 22.47
N GLU B 127 8.27 -8.93 23.68
CA GLU B 127 9.51 -9.60 24.00
C GLU B 127 9.34 -11.11 24.00
N GLN B 128 8.26 -11.61 24.62
CA GLN B 128 7.99 -13.05 24.58
C GLN B 128 7.74 -13.53 23.16
N LEU B 129 7.06 -12.71 22.35
CA LEU B 129 6.79 -13.10 20.97
C LEU B 129 8.07 -13.18 20.15
N GLU B 130 8.91 -12.14 20.22
CA GLU B 130 10.14 -12.15 19.45
C GLU B 130 11.05 -13.29 19.87
N ALA B 131 11.03 -13.64 21.16
CA ALA B 131 11.78 -14.80 21.63
C ALA B 131 11.21 -16.10 21.06
N TYR B 132 9.88 -16.24 21.08
CA TYR B 132 9.28 -17.48 20.58
C TYR B 132 9.47 -17.62 19.08
N LEU B 133 9.47 -16.51 18.33
CA LEU B 133 9.66 -16.60 16.89
C LEU B 133 11.07 -17.05 16.53
N GLU B 134 12.08 -16.53 17.25
CA GLU B 134 13.45 -16.97 17.02
C GLU B 134 13.61 -18.43 17.42
N LYS B 135 12.91 -18.86 18.48
CA LYS B 135 13.04 -20.23 18.97
C LYS B 135 12.44 -21.24 17.99
N THR B 136 11.21 -20.99 17.54
CA THR B 136 10.47 -21.95 16.71
C THR B 136 10.62 -21.70 15.22
N ARG B 137 10.86 -20.45 14.81
CA ARG B 137 11.00 -20.06 13.40
C ARG B 137 9.91 -20.66 12.52
N PRO B 138 8.66 -20.23 12.67
CA PRO B 138 7.58 -20.76 11.84
C PRO B 138 7.60 -20.13 10.45
N ASN B 139 6.77 -20.69 9.56
CA ASN B 139 6.69 -20.21 8.19
C ASN B 139 5.84 -18.95 8.04
N CYS B 140 4.93 -18.70 8.98
CA CYS B 140 4.07 -17.52 8.89
C CYS B 140 3.49 -17.22 10.26
N LEU B 141 3.30 -15.93 10.53
CA LEU B 141 2.71 -15.46 11.77
C LEU B 141 1.38 -14.75 11.45
N VAL B 142 0.28 -15.34 11.90
CA VAL B 142 -1.04 -14.72 11.83
C VAL B 142 -1.29 -14.01 13.15
N ALA B 143 -1.22 -12.69 13.16
CA ALA B 143 -1.32 -11.90 14.38
C ALA B 143 -2.51 -10.95 14.34
N ASP B 144 -3.02 -10.64 15.52
CA ASP B 144 -4.21 -9.82 15.65
C ASP B 144 -4.00 -8.43 15.05
N MET B 145 -5.10 -7.80 14.65
CA MET B 145 -5.07 -6.42 14.18
C MET B 145 -4.51 -5.47 15.23
N PHE B 146 -4.75 -5.75 16.51
CA PHE B 146 -4.32 -4.86 17.58
C PHE B 146 -2.82 -4.96 17.86
N PHE B 147 -2.08 -5.77 17.10
CA PHE B 147 -0.64 -5.91 17.23
C PHE B 147 0.03 -5.44 15.94
N PRO B 148 0.00 -4.14 15.66
CA PRO B 148 0.70 -3.66 14.45
C PRO B 148 2.20 -3.95 14.48
N TRP B 149 2.81 -3.93 15.67
CA TRP B 149 4.23 -4.21 15.83
C TRP B 149 4.61 -5.65 15.53
N ALA B 150 3.63 -6.57 15.45
CA ALA B 150 3.94 -7.96 15.15
C ALA B 150 4.51 -8.15 13.76
N THR B 151 4.28 -7.20 12.85
CA THR B 151 4.90 -7.26 11.53
C THR B 151 6.42 -7.13 11.65
N ASP B 152 6.87 -6.15 12.45
CA ASP B 152 8.30 -5.96 12.67
C ASP B 152 8.91 -7.17 13.37
N SER B 153 8.22 -7.73 14.35
CA SER B 153 8.75 -8.88 15.08
C SER B 153 9.00 -10.07 14.16
N ALA B 154 8.08 -10.32 13.22
CA ALA B 154 8.28 -11.41 12.28
C ALA B 154 9.32 -11.07 11.21
N ALA B 155 9.51 -9.79 10.92
CA ALA B 155 10.47 -9.39 9.90
C ALA B 155 11.90 -9.60 10.36
N LYS B 156 12.14 -9.48 11.68
CA LYS B 156 13.48 -9.73 12.22
C LYS B 156 13.99 -11.11 11.83
N PHE B 157 13.09 -12.06 11.57
CA PHE B 157 13.46 -13.43 11.24
C PHE B 157 12.98 -13.83 9.86
N ASN B 158 12.67 -12.85 9.01
CA ASN B 158 12.20 -13.09 7.64
C ASN B 158 10.96 -13.99 7.64
N ILE B 159 10.05 -13.73 8.55
CA ILE B 159 8.79 -14.45 8.66
C ILE B 159 7.68 -13.55 8.12
N PRO B 160 6.89 -13.99 7.15
CA PRO B 160 5.77 -13.17 6.70
C PRO B 160 4.68 -13.13 7.76
N ARG B 161 4.13 -11.94 7.96
CA ARG B 161 3.09 -11.71 8.95
C ARG B 161 1.76 -11.41 8.25
N LEU B 162 0.71 -12.09 8.67
CA LEU B 162 -0.64 -11.83 8.18
C LEU B 162 -1.47 -11.17 9.27
N VAL B 163 -2.32 -10.23 8.89
CA VAL B 163 -3.22 -9.57 9.82
C VAL B 163 -4.57 -10.26 9.78
N PHE B 164 -5.21 -10.37 10.95
CA PHE B 164 -6.57 -10.86 11.06
C PHE B 164 -7.37 -9.88 11.92
N HIS B 165 -8.47 -9.36 11.36
CA HIS B 165 -9.34 -8.43 12.08
C HIS B 165 -10.55 -9.11 12.72
N GLY B 166 -11.11 -10.13 12.06
CA GLY B 166 -12.34 -10.74 12.52
C GLY B 166 -13.60 -10.03 12.10
N THR B 167 -13.54 -9.18 11.06
CA THR B 167 -14.69 -8.44 10.59
C THR B 167 -14.82 -8.56 9.07
N SER B 168 -15.82 -7.88 8.52
CA SER B 168 -16.15 -7.98 7.10
C SER B 168 -15.23 -7.11 6.25
N PHE B 169 -15.15 -7.45 4.96
CA PHE B 169 -14.48 -6.58 4.00
C PHE B 169 -15.06 -5.17 4.04
N PHE B 170 -16.38 -5.07 4.16
CA PHE B 170 -17.02 -3.75 4.12
C PHE B 170 -16.53 -2.88 5.27
N SER B 171 -16.42 -3.45 6.47
CA SER B 171 -15.89 -2.68 7.60
C SER B 171 -14.44 -2.30 7.38
N LEU B 172 -13.64 -3.22 6.85
CA LEU B 172 -12.24 -2.92 6.55
C LEU B 172 -12.14 -1.72 5.62
N CYS B 173 -12.96 -1.70 4.57
CA CYS B 173 -12.91 -0.60 3.60
C CYS B 173 -13.48 0.69 4.18
N ALA B 174 -14.64 0.60 4.83
CA ALA B 174 -15.32 1.79 5.29
C ALA B 174 -14.55 2.51 6.38
N LEU B 175 -13.97 1.75 7.31
CA LEU B 175 -13.14 2.35 8.35
C LEU B 175 -11.96 3.11 7.75
N GLU B 176 -11.39 2.60 6.65
CA GLU B 176 -10.21 3.23 6.07
C GLU B 176 -10.55 4.48 5.26
N VAL B 177 -11.67 4.50 4.55
CA VAL B 177 -12.01 5.71 3.82
C VAL B 177 -12.35 6.83 4.79
N VAL B 178 -12.98 6.50 5.92
CA VAL B 178 -13.29 7.52 6.92
C VAL B 178 -12.01 8.04 7.55
N ARG B 179 -11.02 7.17 7.74
CA ARG B 179 -9.76 7.61 8.31
C ARG B 179 -8.97 8.46 7.33
N LEU B 180 -8.96 8.07 6.05
CA LEU B 180 -8.15 8.77 5.05
C LEU B 180 -8.79 10.07 4.60
N TYR B 181 -10.12 10.06 4.38
CA TYR B 181 -10.80 11.22 3.83
C TYR B 181 -11.47 12.09 4.87
N GLU B 182 -11.66 11.59 6.08
CA GLU B 182 -12.32 12.30 7.18
C GLU B 182 -13.56 13.06 6.68
N PRO B 183 -14.53 12.38 6.08
CA PRO B 183 -15.72 13.11 5.59
C PRO B 183 -16.59 13.67 6.71
N HIS B 184 -16.34 13.29 7.96
CA HIS B 184 -17.10 13.78 9.10
C HIS B 184 -16.66 15.15 9.56
N LYS B 185 -15.56 15.68 9.02
CA LYS B 185 -15.16 17.04 9.33
C LYS B 185 -15.88 18.06 8.45
N ASN B 186 -16.37 17.63 7.28
CA ASN B 186 -17.08 18.51 6.37
C ASN B 186 -18.57 18.63 6.69
N VAL B 187 -18.92 18.57 7.98
CA VAL B 187 -20.32 18.64 8.41
C VAL B 187 -20.42 19.59 9.59
N SER B 188 -21.66 20.04 9.86
CA SER B 188 -21.92 21.06 10.85
C SER B 188 -22.69 20.57 12.08
N SER B 189 -23.38 19.44 12.00
CA SER B 189 -24.19 18.97 13.12
C SER B 189 -24.04 17.48 13.29
N ASP B 190 -24.51 16.98 14.44
CA ASP B 190 -24.34 15.58 14.79
C ASP B 190 -25.06 14.67 13.80
N GLU B 191 -26.29 15.03 13.42
CA GLU B 191 -27.12 14.17 12.59
C GLU B 191 -27.04 14.48 11.11
N GLU B 192 -26.22 15.45 10.71
CA GLU B 192 -26.06 15.72 9.28
C GLU B 192 -25.31 14.58 8.61
N LEU B 193 -25.87 14.08 7.51
CA LEU B 193 -25.35 12.92 6.82
C LEU B 193 -24.19 13.28 5.89
N PHE B 194 -23.26 12.34 5.73
CA PHE B 194 -22.19 12.44 4.75
C PHE B 194 -22.03 11.09 4.07
N SER B 195 -21.61 11.12 2.81
CA SER B 195 -21.38 9.89 2.08
C SER B 195 -19.96 9.40 2.33
N LEU B 196 -19.80 8.08 2.26
CA LEU B 196 -18.46 7.50 2.31
C LEU B 196 -17.84 7.66 0.92
N PRO B 197 -16.71 8.34 0.80
CA PRO B 197 -16.13 8.57 -0.54
C PRO B 197 -15.72 7.26 -1.22
N LEU B 198 -15.70 7.32 -2.56
CA LEU B 198 -15.14 6.28 -3.43
C LEU B 198 -15.92 4.98 -3.46
N PHE B 199 -16.86 4.78 -2.53
CA PHE B 199 -17.51 3.49 -2.43
C PHE B 199 -18.41 3.22 -3.64
N PRO B 200 -18.49 1.96 -4.09
CA PRO B 200 -19.41 1.62 -5.18
C PRO B 200 -20.87 1.59 -4.75
N HIS B 201 -21.17 1.89 -3.50
CA HIS B 201 -22.52 2.14 -3.03
C HIS B 201 -22.53 3.48 -2.31
N ASP B 202 -23.67 4.16 -2.34
CA ASP B 202 -23.83 5.39 -1.56
C ASP B 202 -24.15 5.02 -0.12
N ILE B 203 -23.18 5.19 0.76
CA ILE B 203 -23.37 4.90 2.18
C ILE B 203 -23.34 6.22 2.94
N LYS B 204 -24.44 6.56 3.58
CA LYS B 204 -24.57 7.81 4.31
C LYS B 204 -24.53 7.54 5.81
N MET B 205 -23.73 8.33 6.53
CA MET B 205 -23.58 8.19 7.96
C MET B 205 -23.49 9.56 8.60
N MET B 206 -23.68 9.59 9.91
CA MET B 206 -23.60 10.82 10.70
C MET B 206 -22.52 10.69 11.76
N ARG B 207 -22.08 11.85 12.26
CA ARG B 207 -21.01 11.87 13.27
C ARG B 207 -21.35 11.02 14.48
N LEU B 208 -22.63 10.95 14.84
CA LEU B 208 -23.03 10.19 16.02
C LEU B 208 -22.68 8.71 15.91
N GLN B 209 -22.51 8.20 14.70
CA GLN B 209 -22.17 6.80 14.48
C GLN B 209 -20.67 6.53 14.60
N LEU B 210 -19.86 7.57 14.75
CA LEU B 210 -18.42 7.45 14.93
C LEU B 210 -18.04 7.73 16.38
N PRO B 211 -16.95 7.14 16.87
CA PRO B 211 -16.54 7.40 18.26
C PRO B 211 -16.18 8.85 18.49
N GLU B 212 -16.53 9.37 19.67
CA GLU B 212 -16.21 10.74 20.02
C GLU B 212 -14.71 11.02 19.98
N ASP B 213 -13.85 9.98 20.04
CA ASP B 213 -12.41 10.18 19.89
C ASP B 213 -12.02 10.64 18.51
N VAL B 214 -12.93 10.93 17.58
CA VAL B 214 -12.56 11.18 16.20
C VAL B 214 -13.15 12.50 15.71
N TRP B 215 -14.27 12.91 16.29
CA TRP B 215 -14.90 14.12 15.77
C TRP B 215 -15.19 15.17 16.85
N LYS B 216 -15.44 14.74 18.09
CA LYS B 216 -15.76 15.71 19.14
C LYS B 216 -14.47 16.19 19.82
N HIS B 217 -14.04 15.49 20.87
CA HIS B 217 -12.79 15.83 21.55
C HIS B 217 -11.71 14.86 21.10
N GLU B 218 -11.19 15.14 19.91
CA GLU B 218 -10.17 14.31 19.28
C GLU B 218 -8.89 14.31 20.09
N LYS B 219 -8.36 13.12 20.37
CA LYS B 219 -7.10 13.03 21.09
C LYS B 219 -6.00 12.61 20.14
N ALA B 220 -5.09 11.73 20.57
CA ALA B 220 -4.00 11.36 19.69
C ALA B 220 -3.61 9.90 19.86
N GLU B 221 -3.84 9.34 21.06
CA GLU B 221 -3.58 7.91 21.26
C GLU B 221 -4.53 7.06 20.42
N GLY B 222 -5.84 7.29 20.57
CA GLY B 222 -6.80 6.52 19.81
C GLY B 222 -6.69 6.77 18.32
N LYS B 223 -6.26 7.97 17.92
CA LYS B 223 -6.08 8.25 16.50
C LYS B 223 -4.82 7.57 15.96
N THR B 224 -3.73 7.60 16.72
CA THR B 224 -2.50 6.97 16.27
C THR B 224 -2.55 5.45 16.41
N ARG B 225 -3.35 4.91 17.36
CA ARG B 225 -3.47 3.46 17.45
C ARG B 225 -4.14 2.90 16.21
N LEU B 226 -5.18 3.57 15.74
CA LEU B 226 -5.89 3.13 14.54
C LEU B 226 -5.01 3.26 13.31
N LYS B 227 -4.19 4.33 13.26
CA LYS B 227 -3.29 4.51 12.13
C LYS B 227 -2.35 3.33 11.97
N LEU B 228 -1.72 2.89 13.07
CA LEU B 228 -0.79 1.77 12.98
C LEU B 228 -1.50 0.49 12.61
N ILE B 229 -2.75 0.31 13.07
CA ILE B 229 -3.51 -0.87 12.70
C ILE B 229 -3.81 -0.86 11.21
N LYS B 230 -4.32 0.27 10.69
CA LYS B 230 -4.66 0.34 9.28
C LYS B 230 -3.42 0.30 8.40
N GLU B 231 -2.32 0.92 8.86
CA GLU B 231 -1.07 0.88 8.10
C GLU B 231 -0.46 -0.51 8.10
N SER B 232 -0.67 -1.28 9.17
CA SER B 232 -0.12 -2.64 9.21
C SER B 232 -0.70 -3.52 8.13
N GLU B 233 -1.89 -3.18 7.61
CA GLU B 233 -2.48 -3.95 6.52
C GLU B 233 -1.63 -3.85 5.25
N LEU B 234 -0.95 -2.72 5.05
CA LEU B 234 -0.09 -2.57 3.89
C LEU B 234 1.35 -2.95 4.20
N LYS B 235 1.80 -2.71 5.43
CA LYS B 235 3.18 -3.02 5.79
C LYS B 235 3.41 -4.52 5.92
N SER B 236 2.37 -5.29 6.21
CA SER B 236 2.52 -6.71 6.44
C SER B 236 2.44 -7.46 5.11
N TYR B 237 2.50 -8.80 5.19
CA TYR B 237 2.46 -9.62 3.99
C TYR B 237 1.06 -9.67 3.39
N GLY B 238 0.03 -9.57 4.22
CA GLY B 238 -1.32 -9.62 3.71
C GLY B 238 -2.33 -9.73 4.84
N VAL B 239 -3.58 -9.90 4.45
CA VAL B 239 -4.71 -9.85 5.37
C VAL B 239 -5.53 -11.12 5.18
N ILE B 240 -5.84 -11.80 6.29
CA ILE B 240 -6.80 -12.88 6.31
C ILE B 240 -8.13 -12.30 6.74
N VAL B 241 -9.17 -12.54 5.94
CA VAL B 241 -10.49 -11.97 6.18
C VAL B 241 -11.47 -13.11 6.38
N ASN B 242 -12.27 -13.02 7.45
CA ASN B 242 -13.30 -14.01 7.77
C ASN B 242 -14.61 -13.62 7.07
N SER B 243 -14.60 -13.79 5.75
CA SER B 243 -15.77 -13.53 4.93
C SER B 243 -15.65 -14.44 3.72
N PHE B 244 -16.70 -14.47 2.90
CA PHE B 244 -16.58 -15.14 1.62
C PHE B 244 -16.88 -14.16 0.50
N TYR B 245 -16.19 -14.38 -0.64
CA TYR B 245 -16.16 -13.41 -1.73
C TYR B 245 -17.56 -13.07 -2.23
N GLU B 246 -18.43 -14.07 -2.32
CA GLU B 246 -19.76 -13.86 -2.87
C GLU B 246 -20.65 -13.03 -1.97
N LEU B 247 -20.31 -12.93 -0.67
CA LEU B 247 -21.12 -12.15 0.26
C LEU B 247 -21.02 -10.67 -0.06
N GLU B 248 -19.82 -10.19 -0.32
CA GLU B 248 -19.56 -8.76 -0.51
C GLU B 248 -18.49 -8.59 -1.59
N PRO B 249 -18.77 -9.00 -2.83
CA PRO B 249 -17.72 -8.99 -3.87
C PRO B 249 -17.21 -7.62 -4.24
N ASN B 250 -18.03 -6.58 -4.13
CA ASN B 250 -17.53 -5.25 -4.49
C ASN B 250 -16.48 -4.78 -3.50
N TYR B 251 -16.53 -5.29 -2.27
CA TYR B 251 -15.63 -4.83 -1.23
C TYR B 251 -14.47 -5.80 -1.00
N ALA B 252 -14.64 -7.07 -1.36
CA ALA B 252 -13.48 -7.93 -1.49
C ALA B 252 -12.59 -7.42 -2.61
N GLU B 253 -13.21 -6.85 -3.65
CA GLU B 253 -12.48 -6.20 -4.72
C GLU B 253 -11.89 -4.87 -4.26
N PHE B 254 -12.71 -4.04 -3.60
CA PHE B 254 -12.30 -2.70 -3.20
C PHE B 254 -11.11 -2.74 -2.23
N PHE B 255 -11.11 -3.69 -1.31
CA PHE B 255 -10.00 -3.83 -0.36
C PHE B 255 -8.71 -4.13 -1.10
N ARG B 256 -8.79 -4.93 -2.17
CA ARG B 256 -7.59 -5.36 -2.89
C ARG B 256 -7.11 -4.30 -3.88
N LYS B 257 -8.02 -3.70 -4.65
CA LYS B 257 -7.65 -2.79 -5.73
C LYS B 257 -7.54 -1.34 -5.24
N GLU B 258 -8.65 -0.77 -4.78
CA GLU B 258 -8.67 0.64 -4.41
C GLU B 258 -7.82 0.91 -3.18
N LEU B 259 -7.76 -0.02 -2.24
CA LEU B 259 -6.99 0.15 -1.02
C LEU B 259 -5.64 -0.57 -1.07
N GLY B 260 -5.39 -1.38 -2.09
CA GLY B 260 -4.06 -1.93 -2.33
C GLY B 260 -3.64 -3.05 -1.41
N ARG B 261 -4.56 -3.63 -0.64
CA ARG B 261 -4.22 -4.69 0.30
C ARG B 261 -4.14 -6.04 -0.43
N ARG B 262 -3.26 -6.89 0.06
CA ARG B 262 -3.24 -8.29 -0.35
C ARG B 262 -4.07 -9.10 0.64
N ALA B 263 -5.05 -9.85 0.16
CA ALA B 263 -6.01 -10.47 1.07
C ALA B 263 -6.46 -11.84 0.59
N TRP B 264 -6.98 -12.62 1.53
CA TRP B 264 -7.55 -13.93 1.30
C TRP B 264 -8.82 -14.05 2.12
N ASN B 265 -9.94 -14.37 1.48
CA ASN B 265 -11.19 -14.63 2.18
C ASN B 265 -11.33 -16.13 2.40
N ILE B 266 -11.43 -16.55 3.66
CA ILE B 266 -11.46 -17.97 3.99
C ILE B 266 -12.67 -18.28 4.86
N GLY B 267 -13.59 -17.34 4.96
CA GLY B 267 -14.75 -17.50 5.81
C GLY B 267 -15.96 -18.07 5.11
N PRO B 268 -17.03 -18.35 5.88
CA PRO B 268 -17.05 -18.29 7.35
C PRO B 268 -16.21 -19.40 7.98
N VAL B 269 -15.22 -19.03 8.78
CA VAL B 269 -14.28 -20.02 9.31
C VAL B 269 -14.94 -20.97 10.30
N SER B 270 -16.08 -20.60 10.87
CA SER B 270 -16.76 -21.53 11.77
C SER B 270 -17.43 -22.68 11.02
N LEU B 271 -17.60 -22.56 9.71
CA LEU B 271 -18.39 -23.55 8.97
C LEU B 271 -17.61 -24.82 8.71
N CYS B 272 -16.40 -24.70 8.14
CA CYS B 272 -15.70 -25.90 7.70
C CYS B 272 -15.19 -26.74 8.87
N ASN B 273 -15.51 -26.33 10.10
CA ASN B 273 -15.26 -27.16 11.28
C ASN B 273 -16.53 -27.91 11.65
N ARG B 274 -17.36 -28.17 10.65
CA ARG B 274 -18.65 -28.82 10.78
C ARG B 274 -18.90 -29.59 9.50
N SER B 275 -19.83 -30.55 9.56
CA SER B 275 -20.26 -31.31 8.39
C SER B 275 -21.70 -30.95 8.04
N THR B 276 -21.99 -30.94 6.75
CA THR B 276 -23.32 -30.55 6.27
C THR B 276 -24.21 -31.76 6.04
N GLU B 290 -30.35 -30.99 22.31
CA GLU B 290 -30.87 -31.48 23.57
C GLU B 290 -31.00 -30.37 24.61
N HIS B 291 -30.95 -29.12 24.17
CA HIS B 291 -31.14 -27.98 25.06
C HIS B 291 -32.62 -27.69 25.18
N GLU B 292 -33.04 -27.21 26.37
CA GLU B 292 -34.48 -26.98 26.60
C GLU B 292 -35.07 -26.06 25.55
N CYS B 293 -34.37 -24.96 25.24
CA CYS B 293 -34.88 -23.99 24.28
C CYS B 293 -35.11 -24.61 22.91
N LEU B 294 -34.32 -25.61 22.53
CA LEU B 294 -34.56 -26.27 21.25
C LEU B 294 -35.82 -27.13 21.31
N LYS B 295 -36.06 -27.80 22.44
CA LYS B 295 -37.32 -28.52 22.61
C LYS B 295 -38.49 -27.55 22.62
N TRP B 296 -38.29 -26.38 23.21
CA TRP B 296 -39.31 -25.34 23.21
C TRP B 296 -39.65 -24.90 21.79
N LEU B 297 -38.65 -24.89 20.91
CA LEU B 297 -38.84 -24.42 19.55
C LEU B 297 -39.46 -25.49 18.65
N ASN B 298 -39.27 -26.76 19.00
CA ASN B 298 -39.74 -27.87 18.15
C ASN B 298 -41.23 -27.76 17.82
N SER B 299 -42.04 -27.26 18.76
CA SER B 299 -43.49 -27.22 18.59
C SER B 299 -43.98 -25.98 17.87
N LYS B 300 -43.09 -25.17 17.31
CA LYS B 300 -43.48 -23.88 16.76
C LYS B 300 -43.42 -23.87 15.24
N LYS B 301 -44.18 -22.94 14.66
CA LYS B 301 -44.27 -22.75 13.23
C LYS B 301 -42.94 -22.25 12.65
N LYS B 302 -42.75 -22.49 11.36
CA LYS B 302 -41.54 -22.07 10.68
C LYS B 302 -41.47 -20.54 10.62
N ASN B 303 -40.30 -19.99 10.97
CA ASN B 303 -40.01 -18.55 10.87
C ASN B 303 -41.02 -17.73 11.67
N SER B 304 -41.30 -18.16 12.90
CA SER B 304 -42.28 -17.47 13.72
C SER B 304 -41.75 -17.00 15.07
N VAL B 305 -40.49 -17.29 15.39
CA VAL B 305 -39.89 -16.90 16.66
C VAL B 305 -38.72 -15.97 16.38
N ILE B 306 -38.60 -14.91 17.18
CA ILE B 306 -37.50 -13.95 17.08
C ILE B 306 -36.46 -14.28 18.13
N TYR B 307 -35.19 -14.29 17.74
CA TYR B 307 -34.10 -14.52 18.67
C TYR B 307 -33.41 -13.19 18.93
N ILE B 308 -33.18 -12.88 20.21
CA ILE B 308 -32.58 -11.62 20.63
C ILE B 308 -31.33 -11.93 21.43
N CYS B 309 -30.20 -11.41 20.98
CA CYS B 309 -28.94 -11.57 21.69
C CYS B 309 -27.98 -10.50 21.22
N PHE B 310 -27.26 -9.91 22.16
CA PHE B 310 -26.37 -8.78 21.90
C PHE B 310 -24.92 -9.19 22.03
N GLY B 311 -24.64 -10.46 21.89
CA GLY B 311 -23.29 -10.97 21.87
C GLY B 311 -22.86 -11.47 23.23
N SER B 312 -21.55 -11.66 23.33
CA SER B 312 -20.92 -12.02 24.58
C SER B 312 -20.56 -10.78 25.39
N THR B 313 -20.48 -9.63 24.74
CA THR B 313 -20.21 -8.32 25.32
C THR B 313 -21.51 -7.67 25.81
N ALA B 314 -22.34 -8.39 26.55
CA ALA B 314 -23.66 -7.89 26.92
C ALA B 314 -23.54 -6.86 28.04
N HIS B 315 -23.45 -5.58 27.66
CA HIS B 315 -23.53 -4.46 28.60
C HIS B 315 -24.90 -3.81 28.42
N GLN B 316 -25.91 -4.38 29.06
CA GLN B 316 -27.29 -3.93 28.91
C GLN B 316 -27.80 -3.39 30.24
N ILE B 317 -28.32 -2.16 30.22
CA ILE B 317 -28.82 -1.54 31.44
C ILE B 317 -30.30 -1.86 31.60
N ALA B 318 -30.77 -1.76 32.84
CA ALA B 318 -32.17 -2.07 33.14
C ALA B 318 -33.16 -1.19 32.39
N PRO B 319 -33.00 0.13 32.32
CA PRO B 319 -33.97 0.92 31.53
C PRO B 319 -34.07 0.48 30.08
N GLN B 320 -32.98 -0.04 29.50
CA GLN B 320 -33.03 -0.56 28.14
C GLN B 320 -33.68 -1.93 28.09
N LEU B 321 -33.38 -2.80 29.05
CA LEU B 321 -34.03 -4.10 29.11
C LEU B 321 -35.53 -3.94 29.31
N TYR B 322 -35.96 -2.90 30.02
CA TYR B 322 -37.39 -2.68 30.24
C TYR B 322 -38.11 -2.37 28.94
N GLU B 323 -37.57 -1.46 28.13
CA GLU B 323 -38.21 -1.07 26.88
C GLU B 323 -38.32 -2.26 25.92
N ILE B 324 -37.33 -3.14 25.94
CA ILE B 324 -37.39 -4.35 25.11
C ILE B 324 -38.52 -5.25 25.59
N ALA B 325 -38.68 -5.40 26.91
CA ALA B 325 -39.73 -6.26 27.44
C ALA B 325 -41.11 -5.76 27.04
N MET B 326 -41.35 -4.45 27.17
CA MET B 326 -42.65 -3.91 26.75
C MET B 326 -42.84 -4.07 25.26
N ALA B 327 -41.78 -3.91 24.48
CA ALA B 327 -41.91 -3.99 23.03
C ALA B 327 -42.16 -5.41 22.57
N LEU B 328 -41.52 -6.39 23.21
CA LEU B 328 -41.75 -7.79 22.83
C LEU B 328 -43.20 -8.17 23.06
N GLU B 329 -43.73 -7.83 24.24
CA GLU B 329 -45.12 -8.12 24.56
C GLU B 329 -46.06 -7.40 23.61
N ALA B 330 -45.83 -6.12 23.37
CA ALA B 330 -46.73 -5.35 22.51
C ALA B 330 -46.73 -5.86 21.07
N SER B 331 -45.61 -6.43 20.62
CA SER B 331 -45.54 -6.88 19.22
C SER B 331 -46.39 -8.12 18.98
N GLY B 332 -46.52 -8.99 19.98
CA GLY B 332 -47.20 -10.26 19.84
C GLY B 332 -46.39 -11.38 19.25
N GLN B 333 -45.14 -11.12 18.82
CA GLN B 333 -44.32 -12.16 18.23
C GLN B 333 -43.72 -13.02 19.34
N GLU B 334 -43.57 -14.32 19.06
CA GLU B 334 -42.87 -15.21 19.99
C GLU B 334 -41.36 -15.02 19.88
N PHE B 335 -40.66 -15.26 20.98
CA PHE B 335 -39.26 -14.87 21.06
C PHE B 335 -38.46 -15.75 22.00
N ILE B 336 -37.14 -15.75 21.77
CA ILE B 336 -36.14 -16.25 22.72
C ILE B 336 -35.20 -15.09 23.01
N TRP B 337 -35.18 -14.65 24.28
CA TRP B 337 -34.46 -13.45 24.69
C TRP B 337 -33.31 -13.82 25.61
N VAL B 338 -32.10 -13.39 25.25
CA VAL B 338 -30.89 -13.71 26.00
C VAL B 338 -30.40 -12.44 26.70
N VAL B 339 -30.31 -12.48 28.04
CA VAL B 339 -29.71 -11.40 28.81
C VAL B 339 -28.64 -12.04 29.70
N ARG B 340 -27.67 -11.24 30.15
CA ARG B 340 -26.56 -11.81 30.92
C ARG B 340 -26.60 -11.36 32.39
N ASN B 341 -25.48 -11.61 33.08
CA ASN B 341 -25.33 -11.47 34.55
C ASN B 341 -26.16 -12.50 35.29
N ASP B 351 -37.08 -8.83 37.31
CA ASP B 351 -36.88 -8.13 38.57
C ASP B 351 -37.27 -6.65 38.42
N SER B 352 -36.26 -5.78 38.56
CA SER B 352 -36.42 -4.33 38.44
C SER B 352 -36.35 -3.86 36.99
N TRP B 353 -36.40 -4.77 36.03
CA TRP B 353 -36.37 -4.43 34.61
C TRP B 353 -37.46 -5.12 33.82
N LEU B 354 -38.22 -6.02 34.44
CA LEU B 354 -39.33 -6.72 33.84
C LEU B 354 -40.65 -6.10 34.32
N PRO B 355 -41.62 -5.91 33.44
CA PRO B 355 -42.95 -5.50 33.92
C PRO B 355 -43.55 -6.59 34.78
N ARG B 356 -44.34 -6.16 35.76
CA ARG B 356 -44.90 -7.09 36.74
C ARG B 356 -45.69 -8.20 36.05
N GLY B 357 -45.35 -9.45 36.38
CA GLY B 357 -46.03 -10.58 35.78
C GLY B 357 -45.65 -10.84 34.35
N PHE B 358 -44.43 -10.48 33.94
CA PHE B 358 -44.03 -10.63 32.55
C PHE B 358 -43.86 -12.10 32.19
N GLU B 359 -43.01 -12.80 32.95
CA GLU B 359 -42.71 -14.20 32.67
C GLU B 359 -43.99 -15.04 32.58
N GLN B 360 -44.89 -14.86 33.55
CA GLN B 360 -46.14 -15.63 33.55
C GLN B 360 -47.06 -15.20 32.41
N ARG B 361 -47.03 -13.92 32.04
CA ARG B 361 -47.90 -13.44 30.97
C ARG B 361 -47.46 -13.95 29.60
N VAL B 362 -46.19 -14.34 29.45
CA VAL B 362 -45.65 -14.79 28.17
C VAL B 362 -45.37 -16.28 28.25
N GLU B 363 -46.12 -16.97 29.11
CA GLU B 363 -45.95 -18.40 29.29
C GLU B 363 -46.25 -19.14 28.00
N GLY B 364 -45.25 -19.86 27.49
CA GLY B 364 -45.41 -20.60 26.26
C GLY B 364 -45.19 -19.79 25.00
N LYS B 365 -45.06 -18.46 25.10
CA LYS B 365 -44.85 -17.62 23.92
C LYS B 365 -43.47 -17.01 23.89
N GLY B 366 -42.94 -16.65 25.05
CA GLY B 366 -41.64 -16.03 25.15
C GLY B 366 -40.78 -16.85 26.09
N LEU B 367 -39.49 -16.86 25.80
CA LEU B 367 -38.53 -17.56 26.63
C LEU B 367 -37.36 -16.64 26.90
N ILE B 368 -36.91 -16.59 28.15
CA ILE B 368 -35.77 -15.78 28.55
C ILE B 368 -34.65 -16.72 28.95
N ILE B 369 -33.52 -16.62 28.25
CA ILE B 369 -32.32 -17.39 28.56
C ILE B 369 -31.39 -16.45 29.31
N ARG B 370 -30.99 -16.84 30.52
CA ARG B 370 -30.10 -16.01 31.30
C ARG B 370 -28.65 -16.47 31.21
N GLY B 371 -28.43 -17.73 30.87
CA GLY B 371 -27.09 -18.25 30.72
C GLY B 371 -26.49 -17.99 29.36
N TRP B 372 -25.72 -18.96 28.86
CA TRP B 372 -25.05 -18.89 27.58
C TRP B 372 -25.87 -19.69 26.56
N ALA B 373 -26.44 -18.99 25.58
CA ALA B 373 -27.35 -19.65 24.66
C ALA B 373 -26.58 -20.38 23.54
N PRO B 374 -27.12 -21.47 23.02
CA PRO B 374 -26.54 -22.13 21.83
C PRO B 374 -26.98 -21.41 20.54
N GLN B 375 -26.28 -20.32 20.24
CA GLN B 375 -26.73 -19.38 19.23
C GLN B 375 -26.87 -20.02 17.85
N VAL B 376 -25.90 -20.84 17.44
CA VAL B 376 -25.97 -21.43 16.11
C VAL B 376 -27.12 -22.41 16.01
N LEU B 377 -27.31 -23.23 17.04
CA LEU B 377 -28.39 -24.21 17.00
C LEU B 377 -29.77 -23.56 17.00
N ILE B 378 -29.91 -22.40 17.63
CA ILE B 378 -31.20 -21.72 17.64
C ILE B 378 -31.47 -21.06 16.30
N LEU B 379 -30.47 -20.38 15.73
CA LEU B 379 -30.65 -19.63 14.50
C LEU B 379 -30.97 -20.56 13.34
N GLU B 380 -30.39 -21.75 13.33
CA GLU B 380 -30.60 -22.72 12.28
C GLU B 380 -31.83 -23.58 12.52
N HIS B 381 -32.56 -23.32 13.61
CA HIS B 381 -33.84 -23.98 13.81
C HIS B 381 -34.88 -23.40 12.86
N GLU B 382 -35.83 -24.25 12.46
CA GLU B 382 -36.84 -23.84 11.49
C GLU B 382 -37.75 -22.75 12.04
N ALA B 383 -38.00 -22.75 13.35
CA ALA B 383 -38.95 -21.82 13.94
C ALA B 383 -38.41 -20.40 14.00
N ILE B 384 -37.10 -20.22 13.99
CA ILE B 384 -36.52 -18.89 14.15
C ILE B 384 -36.49 -18.21 12.79
N GLY B 385 -37.12 -17.04 12.70
CA GLY B 385 -37.18 -16.34 11.44
C GLY B 385 -36.66 -14.91 11.51
N ALA B 386 -36.13 -14.52 12.66
CA ALA B 386 -35.57 -13.18 12.81
C ALA B 386 -34.54 -13.18 13.93
N PHE B 387 -33.65 -12.20 13.87
CA PHE B 387 -32.49 -12.13 14.76
C PHE B 387 -32.22 -10.68 15.11
N VAL B 388 -32.42 -10.32 16.37
CA VAL B 388 -32.02 -9.01 16.88
C VAL B 388 -30.58 -9.14 17.36
N THR B 389 -29.69 -8.34 16.77
CA THR B 389 -28.26 -8.49 17.01
C THR B 389 -27.60 -7.13 17.16
N HIS B 390 -26.40 -7.14 17.72
CA HIS B 390 -25.61 -5.94 17.82
C HIS B 390 -24.68 -5.75 16.62
N CYS B 391 -24.76 -6.63 15.62
CA CYS B 391 -23.98 -6.53 14.40
C CYS B 391 -22.49 -6.76 14.62
N GLY B 392 -22.12 -7.49 15.67
CA GLY B 392 -20.78 -8.04 15.71
C GLY B 392 -20.62 -9.02 14.56
N TRP B 393 -19.41 -9.06 13.99
CA TRP B 393 -19.23 -9.80 12.75
C TRP B 393 -19.48 -11.29 12.93
N ASN B 394 -19.10 -11.84 14.08
CA ASN B 394 -19.31 -13.26 14.31
C ASN B 394 -20.80 -13.60 14.32
N SER B 395 -21.62 -12.77 14.98
CA SER B 395 -23.05 -13.06 15.01
C SER B 395 -23.73 -12.71 13.69
N THR B 396 -23.29 -11.66 13.01
CA THR B 396 -23.84 -11.33 11.71
C THR B 396 -23.61 -12.46 10.72
N LEU B 397 -22.40 -13.05 10.74
CA LEU B 397 -22.11 -14.18 9.87
C LEU B 397 -22.99 -15.38 10.22
N GLU B 398 -23.22 -15.60 11.52
CA GLU B 398 -24.06 -16.71 11.92
C GLU B 398 -25.50 -16.51 11.46
N GLY B 399 -25.98 -15.26 11.47
CA GLY B 399 -27.27 -14.97 10.89
C GLY B 399 -27.29 -15.20 9.39
N ILE B 400 -26.25 -14.72 8.70
CA ILE B 400 -26.15 -14.92 7.25
C ILE B 400 -26.10 -16.40 6.93
N THR B 401 -25.26 -17.13 7.66
CA THR B 401 -25.10 -18.56 7.39
C THR B 401 -26.38 -19.34 7.66
N ALA B 402 -27.20 -18.89 8.60
CA ALA B 402 -28.46 -19.56 8.88
C ALA B 402 -29.62 -19.04 8.05
N GLY B 403 -29.39 -18.05 7.19
CA GLY B 403 -30.43 -17.48 6.37
C GLY B 403 -31.51 -16.78 7.16
N VAL B 404 -31.13 -16.06 8.21
CA VAL B 404 -32.08 -15.41 9.13
C VAL B 404 -31.99 -13.91 8.92
N PRO B 405 -33.10 -13.23 8.64
CA PRO B 405 -33.05 -11.76 8.58
C PRO B 405 -32.80 -11.17 9.96
N MET B 406 -32.32 -9.94 9.98
CA MET B 406 -31.82 -9.40 11.23
C MET B 406 -32.38 -8.02 11.53
N VAL B 407 -32.67 -7.78 12.81
CA VAL B 407 -32.90 -6.44 13.31
C VAL B 407 -31.56 -5.93 13.79
N THR B 408 -31.08 -4.85 13.18
CA THR B 408 -29.73 -4.38 13.43
C THR B 408 -29.73 -3.34 14.54
N TRP B 409 -28.92 -3.59 15.57
CA TRP B 409 -28.82 -2.74 16.75
C TRP B 409 -27.35 -2.50 17.08
N PRO B 410 -26.65 -1.71 16.27
CA PRO B 410 -25.22 -1.48 16.52
C PRO B 410 -25.00 -0.66 17.79
N ILE B 411 -23.87 -0.91 18.45
CA ILE B 411 -23.54 -0.24 19.69
C ILE B 411 -22.23 0.52 19.56
N PHE B 412 -21.15 -0.22 19.29
CA PHE B 412 -19.81 0.34 19.24
C PHE B 412 -18.99 -0.40 18.19
N ALA B 413 -17.68 -0.18 18.22
CA ALA B 413 -16.68 -0.84 17.37
C ALA B 413 -17.05 -0.55 15.90
N GLU B 414 -17.00 -1.55 15.03
CA GLU B 414 -17.33 -1.37 13.63
C GLU B 414 -18.76 -1.83 13.32
N GLN B 415 -19.57 -2.00 14.35
CA GLN B 415 -20.91 -2.55 14.18
C GLN B 415 -21.78 -1.66 13.31
N PHE B 416 -21.55 -0.35 13.33
CA PHE B 416 -22.35 0.56 12.51
C PHE B 416 -22.01 0.38 11.03
N TYR B 417 -20.78 0.02 10.72
CA TYR B 417 -20.46 -0.30 9.33
C TYR B 417 -21.13 -1.61 8.93
N ASN B 418 -21.14 -2.58 9.86
CA ASN B 418 -21.78 -3.86 9.59
C ASN B 418 -23.29 -3.70 9.41
N GLU B 419 -23.90 -2.74 10.11
CA GLU B 419 -25.32 -2.49 9.90
C GLU B 419 -25.62 -2.04 8.48
N LYS B 420 -24.74 -1.20 7.93
CA LYS B 420 -24.92 -0.75 6.55
C LYS B 420 -24.83 -1.93 5.59
N LEU B 421 -23.89 -2.84 5.83
CA LEU B 421 -23.77 -4.01 4.97
C LEU B 421 -25.05 -4.85 5.00
N VAL B 422 -25.62 -5.04 6.19
CA VAL B 422 -26.79 -5.91 6.32
C VAL B 422 -28.02 -5.24 5.70
N ASN B 423 -28.22 -3.95 5.96
CA ASN B 423 -29.45 -3.26 5.60
C ASN B 423 -29.43 -2.75 4.16
N GLN B 424 -28.37 -2.04 3.78
CA GLN B 424 -28.35 -1.37 2.49
C GLN B 424 -27.81 -2.25 1.36
N ILE B 425 -26.84 -3.11 1.64
CA ILE B 425 -26.15 -3.89 0.60
C ILE B 425 -26.66 -5.32 0.53
N LEU B 426 -26.65 -6.06 1.63
CA LEU B 426 -27.23 -7.40 1.59
C LEU B 426 -28.76 -7.35 1.58
N LYS B 427 -29.34 -6.30 2.17
CA LYS B 427 -30.79 -6.12 2.23
C LYS B 427 -31.48 -7.30 2.91
N ILE B 428 -30.96 -7.70 4.07
CA ILE B 428 -31.55 -8.74 4.87
C ILE B 428 -31.88 -8.25 6.28
N GLY B 429 -31.98 -6.93 6.47
CA GLY B 429 -32.09 -6.39 7.81
C GLY B 429 -33.03 -5.21 7.91
N VAL B 430 -33.33 -4.87 9.16
CA VAL B 430 -34.17 -3.74 9.51
C VAL B 430 -33.47 -3.01 10.65
N PRO B 431 -33.20 -1.71 10.51
CA PRO B 431 -32.57 -0.98 11.62
C PRO B 431 -33.57 -0.75 12.74
N VAL B 432 -33.07 -0.79 13.98
CA VAL B 432 -33.94 -0.51 15.12
C VAL B 432 -33.99 0.98 15.43
N GLY B 433 -33.07 1.78 14.88
CA GLY B 433 -33.01 3.20 15.14
C GLY B 433 -31.81 3.64 15.94
N ALA B 434 -31.05 2.73 16.52
CA ALA B 434 -29.87 3.09 17.30
C ALA B 434 -28.80 3.70 16.39
N ASN B 435 -28.29 4.88 16.78
CA ASN B 435 -27.29 5.55 15.95
C ASN B 435 -26.24 6.27 16.80
N LYS B 436 -26.00 5.86 18.04
CA LYS B 436 -25.07 6.52 18.94
C LYS B 436 -23.94 5.55 19.29
N TRP B 437 -22.74 5.85 18.78
CA TRP B 437 -21.56 5.05 19.11
C TRP B 437 -21.24 5.27 20.58
N SER B 438 -21.15 4.17 21.33
CA SER B 438 -20.93 4.30 22.77
C SER B 438 -20.42 2.98 23.30
N ARG B 439 -19.33 3.05 24.10
CA ARG B 439 -18.79 1.85 24.74
C ARG B 439 -19.73 1.39 25.86
N GLU B 440 -20.03 2.29 26.79
CA GLU B 440 -21.07 2.12 27.80
C GLU B 440 -22.33 2.80 27.29
N THR B 441 -23.40 2.77 28.08
CA THR B 441 -24.67 3.27 27.59
C THR B 441 -25.26 4.31 28.53
N SER B 442 -25.65 5.46 27.95
CA SER B 442 -26.29 6.54 28.69
C SER B 442 -27.81 6.41 28.60
N ILE B 443 -28.48 6.73 29.71
CA ILE B 443 -29.94 6.63 29.75
C ILE B 443 -30.61 7.49 28.69
N GLU B 444 -29.95 8.59 28.28
CA GLU B 444 -30.50 9.41 27.22
C GLU B 444 -30.59 8.66 25.89
N ASP B 445 -29.78 7.62 25.72
CA ASP B 445 -29.68 6.91 24.45
C ASP B 445 -30.58 5.68 24.37
N VAL B 446 -31.42 5.44 25.38
CA VAL B 446 -32.22 4.22 25.40
C VAL B 446 -33.18 4.23 24.23
N ILE B 447 -33.29 3.09 23.55
CA ILE B 447 -34.23 2.92 22.45
C ILE B 447 -35.58 2.56 23.05
N LYS B 448 -36.61 3.36 22.73
CA LYS B 448 -37.91 3.25 23.39
C LYS B 448 -38.72 2.08 22.82
N LYS B 449 -39.81 1.73 23.51
CA LYS B 449 -40.54 0.51 23.15
C LYS B 449 -41.16 0.60 21.76
N ASP B 450 -41.65 1.78 21.36
CA ASP B 450 -42.33 1.86 20.08
C ASP B 450 -41.37 1.63 18.92
N ALA B 451 -40.16 2.19 19.01
CA ALA B 451 -39.16 1.95 17.97
C ALA B 451 -38.79 0.47 17.90
N ILE B 452 -38.63 -0.17 19.04
CA ILE B 452 -38.28 -1.59 19.04
C ILE B 452 -39.44 -2.43 18.52
N GLU B 453 -40.67 -2.08 18.91
CA GLU B 453 -41.84 -2.84 18.47
C GLU B 453 -42.04 -2.70 16.96
N LYS B 454 -41.79 -1.51 16.43
CA LYS B 454 -41.93 -1.30 14.99
C LYS B 454 -40.95 -2.19 14.21
N ALA B 455 -39.74 -2.37 14.73
CA ALA B 455 -38.74 -3.20 14.07
C ALA B 455 -39.07 -4.68 14.19
N LEU B 456 -39.57 -5.11 15.35
CA LEU B 456 -39.95 -6.50 15.55
C LEU B 456 -41.09 -6.89 14.61
N ARG B 457 -41.99 -5.95 14.32
CA ARG B 457 -43.10 -6.22 13.42
C ARG B 457 -42.64 -6.21 11.96
N GLU B 458 -41.79 -5.26 11.58
CA GLU B 458 -41.33 -5.19 10.20
C GLU B 458 -40.49 -6.40 9.83
N ILE B 459 -39.64 -6.88 10.73
CA ILE B 459 -38.78 -8.02 10.39
C ILE B 459 -39.59 -9.30 10.26
N MET B 460 -40.80 -9.35 10.79
CA MET B 460 -41.59 -10.58 10.79
C MET B 460 -42.71 -10.59 9.77
N VAL B 461 -43.46 -9.50 9.63
CA VAL B 461 -44.65 -9.47 8.79
C VAL B 461 -44.69 -8.27 7.86
N GLY B 462 -43.67 -7.42 7.86
CA GLY B 462 -43.70 -6.26 6.99
C GLY B 462 -43.78 -6.65 5.52
N ASP B 463 -43.88 -5.66 4.64
CA ASP B 463 -44.07 -5.96 3.22
C ASP B 463 -42.85 -6.60 2.60
N GLU B 464 -41.67 -6.08 2.91
CA GLU B 464 -40.43 -6.63 2.40
C GLU B 464 -39.90 -7.79 3.25
N ALA B 465 -40.66 -8.21 4.28
CA ALA B 465 -40.16 -9.25 5.18
C ALA B 465 -39.89 -10.57 4.46
N GLU B 466 -40.72 -10.92 3.48
CA GLU B 466 -40.52 -12.17 2.77
C GLU B 466 -39.38 -12.08 1.76
N GLU B 467 -39.11 -10.88 1.26
CA GLU B 467 -37.97 -10.71 0.37
C GLU B 467 -36.66 -10.80 1.13
N ARG B 468 -36.64 -10.33 2.38
CA ARG B 468 -35.44 -10.44 3.20
C ARG B 468 -35.13 -11.89 3.54
N ARG B 469 -36.14 -12.70 3.84
CA ARG B 469 -35.88 -14.12 4.08
C ARG B 469 -35.33 -14.81 2.84
N SER B 470 -35.83 -14.45 1.66
CA SER B 470 -35.36 -15.08 0.45
C SER B 470 -33.93 -14.68 0.14
N ARG B 471 -33.62 -13.40 0.30
CA ARG B 471 -32.25 -12.96 0.10
C ARG B 471 -31.32 -13.60 1.13
N ALA B 472 -31.77 -13.71 2.37
CA ALA B 472 -30.96 -14.36 3.41
C ALA B 472 -30.77 -15.83 3.13
N LYS B 473 -31.77 -16.49 2.55
CA LYS B 473 -31.66 -17.90 2.23
C LYS B 473 -30.67 -18.13 1.09
N LYS B 474 -30.56 -17.16 0.18
CA LYS B 474 -29.57 -17.22 -0.90
C LYS B 474 -28.16 -17.15 -0.33
N LEU B 475 -27.94 -16.20 0.58
CA LEU B 475 -26.64 -16.06 1.23
C LEU B 475 -26.25 -17.33 1.97
N LYS B 476 -27.23 -18.01 2.59
CA LYS B 476 -26.93 -19.26 3.28
C LYS B 476 -26.28 -20.27 2.33
N GLU B 477 -26.85 -20.44 1.13
CA GLU B 477 -26.31 -21.41 0.19
C GLU B 477 -24.91 -21.00 -0.30
N MET B 478 -24.73 -19.73 -0.63
CA MET B 478 -23.42 -19.27 -1.08
C MET B 478 -22.36 -19.41 0.00
N ALA B 479 -22.75 -19.31 1.28
CA ALA B 479 -21.80 -19.44 2.38
C ALA B 479 -21.26 -20.87 2.48
N TRP B 480 -22.16 -21.86 2.46
CA TRP B 480 -21.73 -23.25 2.50
C TRP B 480 -20.98 -23.62 1.23
N LYS B 481 -21.38 -23.05 0.09
CA LYS B 481 -20.69 -23.33 -1.17
C LYS B 481 -19.28 -22.76 -1.14
N ALA B 482 -19.09 -21.63 -0.49
CA ALA B 482 -17.76 -21.02 -0.44
C ALA B 482 -16.79 -21.87 0.35
N VAL B 483 -17.31 -22.67 1.29
CA VAL B 483 -16.46 -23.38 2.24
C VAL B 483 -16.16 -24.81 1.79
N GLU B 484 -16.99 -25.39 0.92
CA GLU B 484 -16.75 -26.72 0.38
C GLU B 484 -15.71 -26.69 -0.73
N GLU B 485 -15.24 -27.88 -1.10
CA GLU B 485 -14.23 -28.02 -2.13
C GLU B 485 -14.65 -27.32 -3.41
N GLY B 486 -13.76 -26.50 -3.95
CA GLY B 486 -14.08 -25.69 -5.10
C GLY B 486 -14.69 -24.35 -4.78
N GLY B 487 -15.07 -24.11 -3.53
CA GLY B 487 -15.61 -22.82 -3.17
C GLY B 487 -14.54 -21.74 -3.14
N SER B 488 -15.01 -20.50 -3.13
CA SER B 488 -14.11 -19.35 -3.16
C SER B 488 -13.19 -19.33 -1.94
N SER B 489 -13.73 -19.62 -0.75
CA SER B 489 -12.92 -19.53 0.46
C SER B 489 -12.01 -20.73 0.61
N TYR B 490 -12.50 -21.91 0.24
CA TYR B 490 -11.65 -23.10 0.17
C TYR B 490 -10.47 -22.87 -0.77
N SER B 491 -10.71 -22.17 -1.89
CA SER B 491 -9.71 -22.11 -2.95
C SER B 491 -8.51 -21.26 -2.53
N ASP B 492 -8.73 -20.02 -2.11
CA ASP B 492 -7.55 -19.20 -1.82
C ASP B 492 -7.04 -19.42 -0.41
N LEU B 493 -7.69 -20.28 0.40
CA LEU B 493 -6.97 -20.89 1.50
C LEU B 493 -5.92 -21.86 0.97
N SER B 494 -6.28 -22.65 -0.05
CA SER B 494 -5.29 -23.49 -0.71
C SER B 494 -4.22 -22.63 -1.38
N ALA B 495 -4.61 -21.47 -1.91
CA ALA B 495 -3.64 -20.59 -2.55
C ALA B 495 -2.76 -19.90 -1.54
N LEU B 496 -3.30 -19.57 -0.36
CA LEU B 496 -2.49 -18.95 0.67
C LEU B 496 -1.42 -19.91 1.17
N ILE B 497 -1.80 -21.18 1.38
CA ILE B 497 -0.83 -22.16 1.86
C ILE B 497 0.26 -22.40 0.83
N GLU B 498 -0.13 -22.58 -0.43
CA GLU B 498 0.84 -22.80 -1.50
C GLU B 498 1.77 -21.62 -1.65
N GLU B 499 1.22 -20.40 -1.55
CA GLU B 499 2.06 -19.20 -1.59
C GLU B 499 3.00 -19.16 -0.40
N LEU B 500 2.53 -19.59 0.78
CA LEU B 500 3.39 -19.61 1.96
C LEU B 500 4.49 -20.65 1.82
N ARG B 501 4.20 -21.80 1.19
CA ARG B 501 5.22 -22.82 1.01
C ARG B 501 6.38 -22.33 0.17
N GLY B 502 6.12 -21.40 -0.74
CA GLY B 502 7.18 -20.94 -1.63
C GLY B 502 7.65 -19.53 -1.34
N TYR B 503 7.50 -19.07 -0.10
CA TYR B 503 7.98 -17.75 0.28
C TYR B 503 9.49 -17.76 0.44
N HIS B 504 10.16 -16.86 -0.27
CA HIS B 504 11.61 -16.75 -0.23
C HIS B 504 11.99 -15.32 0.15
N ALA B 505 12.44 -15.14 1.39
CA ALA B 505 12.86 -13.82 1.86
C ALA B 505 14.36 -13.64 1.69
#